data_6O6X
#
_entry.id   6O6X
#
_cell.length_a   54.148
_cell.length_b   115.745
_cell.length_c   161.037
_cell.angle_alpha   90.00
_cell.angle_beta   90.00
_cell.angle_gamma   90.00
#
_symmetry.space_group_name_H-M   'P 21 21 21'
#
loop_
_entity.id
_entity.type
_entity.pdbx_description
1 polymer Csm6
2 polymer 'Cyclic RNA cA4'
3 water water
#
loop_
_entity_poly.entity_id
_entity_poly.type
_entity_poly.pdbx_seq_one_letter_code
_entity_poly.pdbx_strand_id
1 'polypeptide(L)'
;MGMKLLVVSWGDFERAKETKYRFGGETSVGPSTLPILQKVIKPDWTVIVLSDTIGKDFSSVETLREDVRNRVMDFLDRIG
AGREVDVIIAPGIGEFTHGSFRGSAMDAYYYVLHALSEIIPTKGDLEVHFDSTHGLNYVTLLTYRALKDLLGIAAVMNTV
TFYAYNSDPFVPKITKELNINTIETTMVKPTPLSEPLPGFDEYLCPYSMERAEFVRLKGSLNTLKNLRKEKKKLEAWIGS
LLFGLPLLFLEEFPDIGRLESYIEELAETWGGAIAVNAEEKAVTRRLAFGSGFGTLVKLLFQARITRGLLVEEPYSIEKL
YSVSDRLFRGSTLQRVRVALGKIEDKAIKYARKGAFPRDIPLRDFLGFDAANREVSPRNVLAHAGLEANVVEVSMEAWEP
KRPEEEAGRHTHLKYTPVGLKKVEDIVSRALKESHHHHHH
;
A,B
2 'polyribonucleotide' AAAA C,D
#
# COMPACT_ATOMS: atom_id res chain seq x y z
N MET A 3 -6.10 14.37 17.08
CA MET A 3 -7.42 13.66 16.86
C MET A 3 -7.26 12.14 17.02
N LYS A 4 -8.03 11.55 17.94
CA LYS A 4 -8.22 10.09 18.12
C LYS A 4 -9.55 9.68 17.47
N LEU A 5 -9.53 8.75 16.51
CA LEU A 5 -10.73 8.32 15.74
C LEU A 5 -10.98 6.83 15.95
N LEU A 6 -12.17 6.45 16.44
CA LEU A 6 -12.56 5.02 16.60
C LEU A 6 -13.57 4.67 15.50
N VAL A 7 -13.24 3.66 14.69
CA VAL A 7 -14.11 3.06 13.63
C VAL A 7 -14.39 1.61 14.00
N VAL A 8 -15.67 1.23 13.91
CA VAL A 8 -16.20 -0.08 14.35
C VAL A 8 -16.98 -0.71 13.18
N SER A 9 -16.93 -2.03 13.02
CA SER A 9 -17.57 -2.80 11.94
C SER A 9 -18.58 -3.75 12.56
N TRP A 10 -19.88 -3.55 12.28
CA TRP A 10 -21.04 -4.25 12.88
C TRP A 10 -21.86 -4.95 11.80
N GLY A 11 -22.37 -6.14 12.13
CA GLY A 11 -23.39 -6.86 11.35
C GLY A 11 -24.74 -6.81 12.06
N ASP A 12 -25.28 -7.97 12.42
CA ASP A 12 -26.57 -8.06 13.17
C ASP A 12 -26.26 -7.90 14.66
N PHE A 13 -25.97 -6.67 15.06
CA PHE A 13 -25.48 -6.27 16.41
C PHE A 13 -26.47 -6.70 17.50
N GLU A 14 -27.77 -6.82 17.17
CA GLU A 14 -28.86 -7.08 18.14
C GLU A 14 -28.92 -8.55 18.53
N ARG A 15 -28.32 -9.44 17.73
CA ARG A 15 -28.34 -10.91 17.96
C ARG A 15 -27.13 -11.32 18.79
N ALA A 16 -26.23 -10.40 19.11
CA ALA A 16 -25.07 -10.67 19.99
C ALA A 16 -25.56 -10.98 21.41
N LYS A 17 -24.88 -11.89 22.12
CA LYS A 17 -25.18 -12.32 23.49
C LYS A 17 -24.39 -11.48 24.51
N GLU A 18 -24.93 -11.31 25.71
CA GLU A 18 -24.21 -10.72 26.87
C GLU A 18 -22.96 -11.57 27.10
N THR A 19 -21.81 -10.92 27.30
CA THR A 19 -20.55 -11.63 27.61
C THR A 19 -19.67 -10.65 28.37
N LYS A 20 -18.55 -11.13 28.91
CA LYS A 20 -17.53 -10.29 29.59
C LYS A 20 -16.40 -10.05 28.57
N TYR A 21 -16.01 -8.79 28.38
CA TYR A 21 -14.84 -8.39 27.56
C TYR A 21 -13.71 -7.93 28.50
N ARG A 22 -12.49 -8.38 28.22
CA ARG A 22 -11.23 -7.91 28.85
C ARG A 22 -10.52 -7.00 27.85
N PHE A 23 -10.03 -5.84 28.28
CA PHE A 23 -9.29 -4.88 27.43
C PHE A 23 -8.70 -3.75 28.28
N GLY A 24 -7.43 -3.42 28.04
CA GLY A 24 -6.71 -2.29 28.70
C GLY A 24 -6.75 -2.37 30.22
N GLY A 25 -6.78 -3.58 30.77
CA GLY A 25 -6.82 -3.81 32.23
C GLY A 25 -8.21 -3.64 32.81
N GLU A 26 -9.19 -3.27 31.97
CA GLU A 26 -10.61 -3.10 32.36
C GLU A 26 -11.40 -4.34 31.97
N THR A 27 -12.66 -4.34 32.39
CA THR A 27 -13.63 -5.46 32.32
C THR A 27 -14.99 -4.84 32.03
N SER A 28 -15.82 -5.52 31.24
CA SER A 28 -17.13 -5.03 30.77
C SER A 28 -18.02 -6.25 30.50
N VAL A 29 -19.28 -6.16 30.90
CA VAL A 29 -20.31 -7.20 30.61
C VAL A 29 -21.36 -6.51 29.75
N GLY A 30 -21.66 -7.07 28.59
CA GLY A 30 -22.46 -6.40 27.56
C GLY A 30 -22.44 -7.18 26.24
N PRO A 31 -23.40 -6.85 25.34
CA PRO A 31 -23.47 -7.47 24.02
C PRO A 31 -22.49 -6.90 22.98
N SER A 32 -21.76 -5.83 23.33
CA SER A 32 -20.89 -5.07 22.42
C SER A 32 -19.56 -4.71 23.08
N THR A 33 -18.50 -4.72 22.27
CA THR A 33 -17.14 -4.22 22.57
C THR A 33 -17.17 -2.68 22.68
N LEU A 34 -18.12 -2.01 22.06
CA LEU A 34 -17.97 -0.54 21.89
C LEU A 34 -17.74 0.18 23.24
N PRO A 35 -18.48 -0.08 24.35
CA PRO A 35 -18.29 0.70 25.57
C PRO A 35 -16.89 0.59 26.18
N ILE A 36 -16.31 -0.63 26.24
CA ILE A 36 -14.95 -0.86 26.79
C ILE A 36 -13.89 -0.31 25.83
N LEU A 37 -14.14 -0.32 24.52
CA LEU A 37 -13.23 0.36 23.56
C LEU A 37 -13.21 1.86 23.86
N GLN A 38 -14.36 2.50 24.10
CA GLN A 38 -14.50 3.97 24.33
C GLN A 38 -13.92 4.36 25.70
N LYS A 39 -14.10 3.50 26.71
CA LYS A 39 -13.61 3.72 28.10
C LYS A 39 -12.08 3.77 28.07
N VAL A 40 -11.44 2.79 27.42
CA VAL A 40 -9.96 2.64 27.42
C VAL A 40 -9.33 3.62 26.44
N ILE A 41 -9.84 3.77 25.21
CA ILE A 41 -9.19 4.59 24.14
C ILE A 41 -9.54 6.08 24.33
N LYS A 42 -10.69 6.39 24.90
CA LYS A 42 -11.25 7.77 25.04
C LYS A 42 -11.15 8.53 23.72
N PRO A 43 -11.80 8.05 22.63
CA PRO A 43 -11.70 8.71 21.34
C PRO A 43 -12.39 10.07 21.32
N ASP A 44 -12.00 10.95 20.39
CA ASP A 44 -12.66 12.26 20.14
C ASP A 44 -13.93 12.03 19.32
N TRP A 45 -13.96 10.95 18.52
CA TRP A 45 -15.07 10.68 17.57
C TRP A 45 -15.16 9.16 17.34
N THR A 46 -16.39 8.65 17.25
CA THR A 46 -16.68 7.23 16.94
C THR A 46 -17.45 7.16 15.63
N VAL A 47 -17.06 6.19 14.80
CA VAL A 47 -17.78 5.86 13.54
C VAL A 47 -18.22 4.40 13.61
N ILE A 48 -19.49 4.16 13.36
CA ILE A 48 -20.10 2.82 13.24
C ILE A 48 -20.45 2.61 11.76
N VAL A 49 -19.94 1.51 11.20
CA VAL A 49 -20.18 1.05 9.82
C VAL A 49 -20.95 -0.26 9.93
N LEU A 50 -22.10 -0.33 9.28
CA LEU A 50 -22.94 -1.54 9.29
C LEU A 50 -23.67 -1.61 7.96
N SER A 51 -24.25 -2.78 7.67
CA SER A 51 -24.99 -3.10 6.44
C SER A 51 -26.47 -2.75 6.64
N ASP A 52 -27.07 -2.03 5.69
CA ASP A 52 -28.53 -1.79 5.60
C ASP A 52 -29.35 -3.10 5.49
N THR A 53 -28.74 -4.30 5.36
CA THR A 53 -29.49 -5.58 5.12
C THR A 53 -30.17 -6.08 6.39
N ILE A 54 -30.11 -5.30 7.47
CA ILE A 54 -30.74 -5.53 8.80
C ILE A 54 -32.15 -4.91 8.78
N GLY A 55 -32.42 -4.00 7.84
CA GLY A 55 -33.65 -3.19 7.77
C GLY A 55 -34.91 -4.03 7.55
N LYS A 56 -36.05 -3.58 8.07
CA LYS A 56 -37.27 -4.43 8.22
C LYS A 56 -38.45 -3.90 7.41
N ASP A 57 -39.10 -2.80 7.80
CA ASP A 57 -40.37 -2.36 7.16
C ASP A 57 -40.12 -1.13 6.27
N PHE A 58 -39.77 -1.38 5.02
CA PHE A 58 -39.28 -0.33 4.10
C PHE A 58 -40.27 -0.19 2.93
N SER A 59 -40.76 1.03 2.74
CA SER A 59 -41.50 1.54 1.56
C SER A 59 -40.51 2.17 0.57
N SER A 60 -39.38 2.65 1.11
CA SER A 60 -38.46 3.64 0.47
C SER A 60 -37.04 3.46 1.02
N VAL A 61 -36.06 4.10 0.39
CA VAL A 61 -34.66 4.18 0.93
C VAL A 61 -34.69 4.91 2.27
N GLU A 62 -35.50 5.96 2.42
CA GLU A 62 -35.49 6.82 3.63
C GLU A 62 -36.10 6.03 4.79
N THR A 63 -37.06 5.16 4.49
CA THR A 63 -37.76 4.29 5.47
C THR A 63 -36.81 3.18 5.92
N LEU A 64 -36.04 2.61 4.98
CA LEU A 64 -34.95 1.62 5.25
C LEU A 64 -33.92 2.25 6.20
N ARG A 65 -33.39 3.42 5.86
CA ARG A 65 -32.31 4.09 6.63
C ARG A 65 -32.82 4.52 8.02
N GLU A 66 -34.06 5.03 8.13
CA GLU A 66 -34.65 5.43 9.44
C GLU A 66 -34.77 4.21 10.34
N ASP A 67 -35.28 3.09 9.82
CA ASP A 67 -35.45 1.83 10.61
C ASP A 67 -34.09 1.45 11.21
N VAL A 68 -33.05 1.40 10.37
CA VAL A 68 -31.67 0.96 10.77
C VAL A 68 -31.09 1.97 11.76
N ARG A 69 -31.07 3.26 11.41
CA ARG A 69 -30.50 4.29 12.31
C ARG A 69 -31.20 4.19 13.67
N ASN A 70 -32.54 4.12 13.72
CA ASN A 70 -33.29 4.09 15.00
C ASN A 70 -32.85 2.87 15.82
N ARG A 71 -32.61 1.70 15.19
CA ARG A 71 -32.22 0.49 15.96
C ARG A 71 -30.78 0.64 16.49
N VAL A 72 -29.93 1.36 15.77
CA VAL A 72 -28.55 1.62 16.31
C VAL A 72 -28.68 2.53 17.54
N MET A 73 -29.52 3.55 17.52
CA MET A 73 -29.63 4.53 18.63
C MET A 73 -30.23 3.84 19.87
N ASP A 74 -31.27 3.01 19.69
CA ASP A 74 -31.77 2.14 20.78
C ASP A 74 -30.64 1.34 21.43
N PHE A 75 -29.74 0.77 20.63
CA PHE A 75 -28.71 -0.18 21.16
C PHE A 75 -27.61 0.62 21.87
N LEU A 76 -27.24 1.77 21.31
CA LEU A 76 -26.26 2.70 21.92
C LEU A 76 -26.74 3.11 23.31
N ASP A 77 -27.98 3.63 23.45
CA ASP A 77 -28.58 4.00 24.76
C ASP A 77 -28.57 2.80 25.69
N ARG A 78 -29.00 1.65 25.20
CA ARG A 78 -29.15 0.44 26.04
C ARG A 78 -27.78 0.05 26.62
N ILE A 79 -26.70 0.09 25.84
CA ILE A 79 -25.34 -0.32 26.32
C ILE A 79 -24.66 0.94 26.89
N GLY A 80 -23.40 0.84 27.29
CA GLY A 80 -22.63 2.02 27.75
C GLY A 80 -22.79 3.23 26.83
N ALA A 81 -22.47 3.07 25.54
CA ALA A 81 -22.02 4.11 24.58
C ALA A 81 -22.94 5.34 24.59
N GLY A 82 -22.42 6.50 24.19
CA GLY A 82 -23.18 7.75 24.00
C GLY A 82 -23.59 7.95 22.55
N ARG A 83 -23.62 9.20 22.08
CA ARG A 83 -24.25 9.58 20.79
C ARG A 83 -23.38 10.61 20.02
N GLU A 84 -22.13 10.84 20.43
CA GLU A 84 -21.11 11.59 19.63
C GLU A 84 -20.57 10.64 18.57
N VAL A 85 -21.46 10.24 17.64
CA VAL A 85 -21.29 9.07 16.74
C VAL A 85 -21.82 9.42 15.35
N ASP A 86 -21.05 9.16 14.30
CA ASP A 86 -21.54 8.98 12.91
C ASP A 86 -21.84 7.48 12.70
N VAL A 87 -22.95 7.21 12.01
CA VAL A 87 -23.37 5.85 11.58
C VAL A 87 -23.33 5.85 10.04
N ILE A 88 -22.46 5.04 9.45
CA ILE A 88 -22.43 4.79 7.98
C ILE A 88 -23.28 3.55 7.74
N ILE A 89 -24.43 3.73 7.09
CA ILE A 89 -25.39 2.64 6.73
C ILE A 89 -25.05 2.20 5.30
N ALA A 90 -24.26 1.14 5.18
CA ALA A 90 -23.60 0.79 3.90
C ALA A 90 -24.54 -0.10 3.08
N PRO A 91 -24.48 0.00 1.74
CA PRO A 91 -25.22 -0.91 0.86
C PRO A 91 -24.72 -2.36 0.93
N GLY A 92 -25.49 -3.24 1.57
CA GLY A 92 -25.19 -4.68 1.67
C GLY A 92 -26.00 -5.48 0.69
N ILE A 93 -25.85 -6.80 0.76
CA ILE A 93 -26.26 -7.76 -0.28
C ILE A 93 -26.77 -9.03 0.40
N GLY A 94 -27.77 -9.70 -0.21
CA GLY A 94 -28.24 -11.05 0.16
C GLY A 94 -29.76 -11.09 0.36
N GLU A 95 -30.29 -12.30 0.46
CA GLU A 95 -31.73 -12.62 0.68
C GLU A 95 -31.92 -13.02 2.15
N PHE A 96 -32.81 -12.35 2.88
CA PHE A 96 -33.06 -12.58 4.34
C PHE A 96 -34.57 -12.72 4.58
N THR A 97 -34.96 -13.14 5.77
CA THR A 97 -36.39 -13.42 6.10
C THR A 97 -37.22 -12.18 5.77
N HIS A 98 -36.76 -11.02 6.23
CA HIS A 98 -37.46 -9.71 6.28
C HIS A 98 -37.23 -8.90 5.01
N GLY A 99 -36.31 -9.31 4.12
CA GLY A 99 -35.90 -8.46 2.99
C GLY A 99 -34.84 -9.08 2.08
N SER A 100 -34.72 -8.49 0.88
CA SER A 100 -33.88 -8.98 -0.25
C SER A 100 -33.14 -7.79 -0.85
N PHE A 101 -31.82 -7.86 -0.94
CA PHE A 101 -30.95 -6.71 -1.30
C PHE A 101 -30.05 -7.11 -2.46
N ARG A 102 -30.18 -6.40 -3.58
CA ARG A 102 -29.51 -6.73 -4.85
C ARG A 102 -28.77 -5.49 -5.35
N GLY A 103 -27.54 -5.71 -5.80
CA GLY A 103 -26.63 -4.66 -6.27
C GLY A 103 -25.21 -5.21 -6.32
N SER A 104 -24.27 -4.39 -6.76
CA SER A 104 -22.81 -4.70 -6.68
C SER A 104 -22.37 -4.64 -5.20
N ALA A 105 -21.84 -5.75 -4.69
CA ALA A 105 -21.22 -5.87 -3.35
C ALA A 105 -20.11 -4.84 -3.16
N MET A 106 -19.39 -4.48 -4.22
CA MET A 106 -18.30 -3.47 -4.13
C MET A 106 -18.86 -2.05 -3.92
N ASP A 107 -20.16 -1.81 -4.08
CA ASP A 107 -20.78 -0.49 -3.72
C ASP A 107 -20.45 -0.13 -2.25
N ALA A 108 -20.36 -1.12 -1.36
CA ALA A 108 -20.03 -0.93 0.07
C ALA A 108 -18.69 -0.18 0.22
N TYR A 109 -17.64 -0.62 -0.49
CA TYR A 109 -16.32 0.06 -0.55
C TYR A 109 -16.49 1.53 -0.96
N TYR A 110 -17.16 1.83 -2.06
CA TYR A 110 -17.18 3.22 -2.62
C TYR A 110 -17.99 4.14 -1.69
N TYR A 111 -19.07 3.60 -1.15
CA TYR A 111 -19.97 4.31 -0.21
C TYR A 111 -19.21 4.61 1.08
N VAL A 112 -18.53 3.63 1.63
CA VAL A 112 -17.79 3.83 2.92
C VAL A 112 -16.62 4.81 2.68
N LEU A 113 -15.90 4.66 1.56
CA LEU A 113 -14.82 5.58 1.15
C LEU A 113 -15.35 7.03 1.08
N HIS A 114 -16.48 7.25 0.41
CA HIS A 114 -17.13 8.58 0.27
C HIS A 114 -17.51 9.13 1.65
N ALA A 115 -18.14 8.32 2.51
CA ALA A 115 -18.58 8.74 3.87
C ALA A 115 -17.34 9.09 4.72
N LEU A 116 -16.34 8.22 4.76
CA LEU A 116 -15.12 8.45 5.60
C LEU A 116 -14.39 9.70 5.09
N SER A 117 -14.44 9.99 3.80
CA SER A 117 -13.73 11.14 3.22
C SER A 117 -14.34 12.42 3.76
N GLU A 118 -15.53 12.38 4.32
CA GLU A 118 -16.23 13.59 4.81
C GLU A 118 -16.12 13.66 6.33
N ILE A 119 -15.61 12.60 6.99
CA ILE A 119 -15.47 12.52 8.48
C ILE A 119 -14.00 12.68 8.91
N ILE A 120 -13.07 11.94 8.30
CA ILE A 120 -11.64 11.92 8.74
C ILE A 120 -11.10 13.35 8.61
N PRO A 121 -10.54 13.99 9.67
CA PRO A 121 -10.08 15.38 9.53
C PRO A 121 -8.92 15.48 8.53
N THR A 122 -8.82 16.63 7.84
CA THR A 122 -7.83 16.85 6.76
C THR A 122 -6.82 17.92 7.18
N LYS A 123 -6.77 18.25 8.47
CA LYS A 123 -5.68 18.98 9.18
C LYS A 123 -5.28 18.15 10.40
N GLY A 124 -3.99 18.10 10.70
CA GLY A 124 -3.50 17.56 11.98
C GLY A 124 -3.26 16.07 11.93
N ASP A 125 -2.52 15.58 12.92
CA ASP A 125 -2.14 14.16 13.11
C ASP A 125 -3.41 13.34 13.42
N LEU A 126 -3.33 12.05 13.16
CA LEU A 126 -4.47 11.10 13.28
C LEU A 126 -3.97 9.89 14.04
N GLU A 127 -4.68 9.55 15.12
CA GLU A 127 -4.54 8.26 15.82
C GLU A 127 -5.87 7.52 15.62
N VAL A 128 -5.82 6.42 14.87
CA VAL A 128 -7.03 5.74 14.33
C VAL A 128 -7.08 4.33 14.92
N HIS A 129 -8.23 3.99 15.49
CA HIS A 129 -8.52 2.68 16.13
C HIS A 129 -9.62 1.97 15.33
N PHE A 130 -9.43 0.70 14.97
CA PHE A 130 -10.37 -0.07 14.12
C PHE A 130 -10.78 -1.38 14.77
N ASP A 131 -12.07 -1.54 15.08
CA ASP A 131 -12.61 -2.77 15.72
C ASP A 131 -13.42 -3.58 14.69
N SER A 132 -12.98 -4.81 14.40
CA SER A 132 -13.64 -5.72 13.42
C SER A 132 -14.43 -6.84 14.12
N THR A 133 -14.47 -6.89 15.47
CA THR A 133 -14.96 -8.09 16.22
C THR A 133 -16.40 -8.47 15.78
N HIS A 134 -17.33 -7.52 15.66
CA HIS A 134 -18.76 -7.79 15.35
C HIS A 134 -19.03 -7.81 13.84
N GLY A 135 -18.00 -7.63 12.98
CA GLY A 135 -18.21 -7.31 11.56
C GLY A 135 -18.65 -8.51 10.73
N LEU A 136 -19.40 -8.25 9.66
CA LEU A 136 -19.51 -9.17 8.51
C LEU A 136 -18.15 -9.28 7.80
N ASN A 137 -17.70 -10.49 7.41
CA ASN A 137 -16.45 -10.65 6.63
C ASN A 137 -16.35 -9.57 5.54
N TYR A 138 -17.34 -9.46 4.63
CA TYR A 138 -17.17 -8.66 3.38
C TYR A 138 -17.20 -7.16 3.70
N VAL A 139 -18.14 -6.70 4.55
CA VAL A 139 -18.21 -5.27 4.96
C VAL A 139 -16.93 -4.89 5.73
N THR A 140 -16.41 -5.79 6.57
CA THR A 140 -15.14 -5.54 7.32
C THR A 140 -13.96 -5.32 6.36
N LEU A 141 -13.73 -6.19 5.36
CA LEU A 141 -12.54 -6.06 4.48
C LEU A 141 -12.62 -4.75 3.69
N LEU A 142 -13.80 -4.46 3.14
CA LEU A 142 -14.08 -3.28 2.28
C LEU A 142 -13.91 -2.02 3.11
N THR A 143 -14.32 -2.00 4.38
CA THR A 143 -14.16 -0.85 5.31
C THR A 143 -12.68 -0.70 5.70
N TYR A 144 -12.00 -1.78 6.04
CA TYR A 144 -10.53 -1.75 6.34
C TYR A 144 -9.77 -1.09 5.17
N ARG A 145 -10.01 -1.59 3.95
CA ARG A 145 -9.37 -1.16 2.69
C ARG A 145 -9.64 0.34 2.47
N ALA A 146 -10.90 0.77 2.57
CA ALA A 146 -11.34 2.17 2.36
C ALA A 146 -10.58 3.07 3.35
N LEU A 147 -10.60 2.70 4.62
CA LEU A 147 -9.93 3.47 5.69
C LEU A 147 -8.41 3.54 5.37
N LYS A 148 -7.78 2.43 5.02
CA LYS A 148 -6.31 2.46 4.72
C LYS A 148 -6.00 3.35 3.51
N ASP A 149 -6.84 3.29 2.47
CA ASP A 149 -6.62 4.08 1.24
C ASP A 149 -6.58 5.58 1.61
N LEU A 150 -7.50 6.05 2.47
CA LEU A 150 -7.61 7.49 2.83
C LEU A 150 -6.48 7.89 3.79
N LEU A 151 -6.10 7.03 4.73
CA LEU A 151 -5.03 7.29 5.74
C LEU A 151 -3.64 7.37 5.06
N GLY A 152 -3.38 6.57 4.04
CA GLY A 152 -2.18 6.68 3.19
C GLY A 152 -2.05 8.08 2.58
N ILE A 153 -3.15 8.63 2.07
CA ILE A 153 -3.14 10.00 1.50
C ILE A 153 -2.89 11.00 2.63
N ALA A 154 -3.57 10.87 3.78
CA ALA A 154 -3.43 11.79 4.92
C ALA A 154 -1.98 11.83 5.42
N ALA A 155 -1.27 10.70 5.34
CA ALA A 155 0.12 10.51 5.84
C ALA A 155 1.14 11.33 5.03
N VAL A 156 0.81 11.69 3.80
CA VAL A 156 1.66 12.60 2.96
C VAL A 156 1.92 13.90 3.73
N MET A 157 0.97 14.38 4.53
CA MET A 157 1.07 15.71 5.19
C MET A 157 1.18 15.59 6.72
N ASN A 158 0.76 14.49 7.36
CA ASN A 158 0.60 14.45 8.83
C ASN A 158 1.03 13.08 9.31
N THR A 159 1.27 12.94 10.62
CA THR A 159 1.58 11.63 11.24
C THR A 159 0.27 10.89 11.50
N VAL A 160 0.24 9.63 11.07
CA VAL A 160 -0.95 8.75 11.13
C VAL A 160 -0.50 7.43 11.73
N THR A 161 -1.10 7.08 12.87
CA THR A 161 -0.90 5.78 13.53
C THR A 161 -2.23 5.07 13.49
N PHE A 162 -2.17 3.74 13.40
CA PHE A 162 -3.37 2.88 13.23
C PHE A 162 -3.27 1.62 14.11
N TYR A 163 -4.32 1.37 14.90
CA TYR A 163 -4.49 0.19 15.77
C TYR A 163 -5.76 -0.56 15.36
N ALA A 164 -5.66 -1.87 15.18
CA ALA A 164 -6.81 -2.77 14.91
C ALA A 164 -6.97 -3.76 16.05
N TYR A 165 -8.22 -4.11 16.34
CA TYR A 165 -8.67 -4.99 17.45
C TYR A 165 -9.63 -6.06 16.89
N ASN A 166 -9.63 -7.21 17.53
CA ASN A 166 -10.61 -8.29 17.27
C ASN A 166 -10.66 -9.17 18.53
N SER A 167 -11.86 -9.39 19.08
CA SER A 167 -12.10 -10.27 20.23
C SER A 167 -11.81 -11.72 19.81
N ASP A 168 -11.51 -12.61 20.77
CA ASP A 168 -11.52 -14.07 20.57
C ASP A 168 -12.88 -14.43 19.96
N PRO A 169 -12.96 -15.52 19.18
CA PRO A 169 -14.22 -16.03 18.65
C PRO A 169 -15.26 -16.34 19.73
N PHE A 170 -16.53 -15.96 19.51
CA PHE A 170 -17.68 -16.29 20.40
C PHE A 170 -18.28 -17.62 19.96
N VAL A 171 -18.37 -18.58 20.89
CA VAL A 171 -19.12 -19.87 20.73
C VAL A 171 -20.43 -19.71 21.49
N PRO A 172 -21.61 -19.85 20.84
CA PRO A 172 -22.88 -19.61 21.53
C PRO A 172 -23.06 -20.53 22.75
N LYS A 173 -23.66 -19.98 23.82
CA LYS A 173 -24.09 -20.70 25.05
C LYS A 173 -22.89 -21.12 25.93
N ILE A 174 -21.69 -21.23 25.35
CA ILE A 174 -20.48 -21.77 26.04
C ILE A 174 -19.59 -20.65 26.56
N THR A 175 -19.23 -19.65 25.74
CA THR A 175 -18.22 -18.65 26.14
C THR A 175 -18.84 -17.68 27.13
N LYS A 176 -17.97 -16.98 27.85
CA LYS A 176 -18.19 -16.38 29.19
C LYS A 176 -17.44 -15.06 29.22
N GLU A 177 -16.12 -15.11 28.97
CA GLU A 177 -15.26 -13.90 28.83
C GLU A 177 -14.54 -13.98 27.47
N LEU A 178 -14.31 -12.82 26.87
CA LEU A 178 -13.59 -12.67 25.59
C LEU A 178 -12.58 -11.55 25.76
N ASN A 179 -11.32 -11.89 25.44
CA ASN A 179 -10.21 -10.92 25.31
C ASN A 179 -10.43 -10.13 24.02
N ILE A 180 -10.20 -8.81 24.03
CA ILE A 180 -10.11 -7.97 22.81
C ILE A 180 -8.62 -7.82 22.50
N ASN A 181 -8.16 -8.50 21.45
CA ASN A 181 -6.75 -8.64 21.01
C ASN A 181 -6.35 -7.49 20.09
N THR A 182 -5.07 -7.13 20.11
CA THR A 182 -4.46 -6.22 19.12
C THR A 182 -4.03 -7.09 17.94
N ILE A 183 -4.40 -6.74 16.72
CA ILE A 183 -4.00 -7.51 15.50
C ILE A 183 -3.24 -6.59 14.55
N GLU A 184 -3.13 -5.29 14.87
CA GLU A 184 -2.27 -4.38 14.06
C GLU A 184 -1.84 -3.14 14.87
N THR A 185 -0.55 -2.82 14.82
CA THR A 185 0.03 -1.48 15.15
C THR A 185 0.94 -1.04 14.00
N THR A 186 0.68 0.15 13.46
CA THR A 186 1.26 0.61 12.18
C THR A 186 1.47 2.13 12.26
N MET A 187 2.64 2.57 11.82
CA MET A 187 2.91 3.96 11.39
C MET A 187 2.59 4.02 9.90
N VAL A 188 1.50 4.69 9.51
CA VAL A 188 0.97 4.63 8.10
C VAL A 188 1.96 5.35 7.16
N LYS A 189 2.40 4.67 6.11
CA LYS A 189 3.37 5.19 5.10
C LYS A 189 2.65 6.22 4.23
N PRO A 190 3.29 7.35 3.86
CA PRO A 190 2.71 8.27 2.89
C PRO A 190 2.56 7.61 1.51
N THR A 191 1.33 7.57 1.00
CA THR A 191 0.99 7.01 -0.33
C THR A 191 0.13 8.02 -1.08
N PRO A 192 0.74 8.94 -1.86
CA PRO A 192 -0.04 9.81 -2.76
C PRO A 192 -0.84 8.98 -3.80
N LEU A 193 -2.03 9.48 -4.16
CA LEU A 193 -2.88 8.89 -5.22
C LEU A 193 -2.00 8.55 -6.43
N SER A 194 -2.05 7.33 -6.93
CA SER A 194 -1.15 6.89 -8.03
C SER A 194 -1.98 6.35 -9.20
N GLU A 195 -3.29 6.64 -9.21
CA GLU A 195 -4.25 6.19 -10.27
C GLU A 195 -4.50 7.35 -11.23
N PRO A 196 -4.52 7.12 -12.56
CA PRO A 196 -5.11 8.09 -13.50
C PRO A 196 -6.63 8.01 -13.39
N LEU A 197 -7.35 8.99 -13.92
CA LEU A 197 -8.81 8.91 -14.05
C LEU A 197 -9.13 7.95 -15.20
N PRO A 198 -10.11 7.05 -15.02
CA PRO A 198 -10.39 6.02 -16.00
C PRO A 198 -11.28 6.57 -17.11
N GLY A 199 -11.57 5.74 -18.13
CA GLY A 199 -12.54 6.04 -19.21
C GLY A 199 -13.92 6.34 -18.66
N PHE A 200 -14.81 6.90 -19.50
CA PHE A 200 -16.09 7.50 -19.04
C PHE A 200 -17.18 6.44 -18.87
N ASP A 201 -16.84 5.15 -18.98
CA ASP A 201 -17.76 4.02 -18.68
C ASP A 201 -17.54 3.50 -17.23
N GLU A 202 -16.70 4.15 -16.43
CA GLU A 202 -16.20 3.57 -15.15
C GLU A 202 -16.50 4.48 -13.96
N TYR A 203 -17.41 5.44 -14.09
CA TYR A 203 -17.88 6.29 -12.97
C TYR A 203 -19.15 5.67 -12.40
N LEU A 204 -20.14 5.37 -13.25
CA LEU A 204 -21.38 4.64 -12.91
C LEU A 204 -21.64 3.57 -13.97
N CYS A 205 -21.91 2.33 -13.55
CA CYS A 205 -22.14 1.15 -14.44
C CYS A 205 -23.55 0.62 -14.21
N PRO A 206 -24.26 0.15 -15.26
CA PRO A 206 -25.53 -0.52 -15.03
C PRO A 206 -25.26 -1.84 -14.28
N TYR A 207 -25.93 -2.04 -13.15
CA TYR A 207 -26.08 -3.35 -12.48
C TYR A 207 -27.39 -3.99 -12.97
N SER A 208 -28.49 -3.22 -12.93
CA SER A 208 -29.83 -3.65 -13.39
C SER A 208 -30.57 -2.47 -14.01
N MET A 209 -30.16 -2.01 -15.18
CA MET A 209 -30.77 -0.84 -15.87
C MET A 209 -30.82 -1.11 -17.36
N GLU A 210 -31.98 -0.83 -17.99
CA GLU A 210 -32.21 -0.91 -19.47
C GLU A 210 -31.17 -0.03 -20.17
N ARG A 211 -30.68 -0.44 -21.34
CA ARG A 211 -29.59 0.32 -21.97
C ARG A 211 -30.13 1.66 -22.52
N ALA A 212 -31.40 1.79 -22.90
CA ALA A 212 -31.93 3.10 -23.34
C ALA A 212 -31.85 4.09 -22.17
N GLU A 213 -32.28 3.63 -21.01
CA GLU A 213 -32.31 4.42 -19.75
C GLU A 213 -30.86 4.78 -19.38
N PHE A 214 -29.91 3.86 -19.54
CA PHE A 214 -28.51 4.10 -19.10
C PHE A 214 -27.81 5.14 -19.99
N VAL A 215 -27.90 4.99 -21.32
CA VAL A 215 -27.22 5.91 -22.29
C VAL A 215 -27.81 7.33 -22.16
N ARG A 216 -29.10 7.43 -21.83
CA ARG A 216 -29.80 8.72 -21.60
C ARG A 216 -29.26 9.37 -20.31
N LEU A 217 -29.18 8.62 -19.20
CA LEU A 217 -28.61 9.10 -17.90
C LEU A 217 -27.20 9.66 -18.13
N LYS A 218 -26.33 8.82 -18.70
CA LYS A 218 -24.91 9.14 -19.04
C LYS A 218 -24.86 10.51 -19.70
N GLY A 219 -25.53 10.65 -20.86
CA GLY A 219 -25.54 11.88 -21.68
C GLY A 219 -26.08 13.08 -20.94
N SER A 220 -26.90 12.88 -19.90
CA SER A 220 -27.50 13.98 -19.11
C SER A 220 -26.55 14.50 -18.00
N LEU A 221 -25.34 13.93 -17.82
CA LEU A 221 -24.45 14.20 -16.64
C LEU A 221 -23.43 15.31 -16.94
N ASN A 222 -23.62 16.51 -16.37
CA ASN A 222 -22.64 17.62 -16.48
C ASN A 222 -21.26 17.12 -16.07
N THR A 223 -21.20 16.40 -14.95
CA THR A 223 -19.98 15.78 -14.39
C THR A 223 -19.12 15.18 -15.51
N LEU A 224 -19.66 14.24 -16.30
CA LEU A 224 -18.90 13.50 -17.35
C LEU A 224 -18.48 14.44 -18.48
N LYS A 225 -19.29 15.45 -18.81
CA LYS A 225 -18.95 16.50 -19.83
C LYS A 225 -17.75 17.34 -19.32
N ASN A 226 -17.86 17.94 -18.12
CA ASN A 226 -16.81 18.82 -17.52
C ASN A 226 -15.52 18.01 -17.31
N LEU A 227 -15.65 16.79 -16.80
CA LEU A 227 -14.51 15.88 -16.47
C LEU A 227 -13.75 15.48 -17.76
N ARG A 228 -14.42 15.48 -18.92
CA ARG A 228 -13.78 15.20 -20.24
C ARG A 228 -12.77 16.30 -20.53
N LYS A 229 -13.13 17.53 -20.14
CA LYS A 229 -12.32 18.75 -20.38
C LYS A 229 -11.18 18.84 -19.35
N GLU A 230 -11.41 18.43 -18.08
CA GLU A 230 -10.49 18.67 -16.93
C GLU A 230 -9.52 17.50 -16.70
N LYS A 231 -9.77 16.36 -17.35
CA LYS A 231 -9.14 15.03 -17.05
C LYS A 231 -7.61 15.12 -17.06
N LYS A 232 -7.04 15.60 -18.16
CA LYS A 232 -5.58 15.66 -18.39
C LYS A 232 -4.95 16.58 -17.32
N LYS A 233 -5.66 17.66 -16.96
CA LYS A 233 -5.20 18.68 -16.00
C LYS A 233 -5.14 18.06 -14.60
N LEU A 234 -6.21 17.38 -14.19
CA LEU A 234 -6.32 16.65 -12.91
C LEU A 234 -5.26 15.53 -12.85
N GLU A 235 -4.98 14.86 -13.96
CA GLU A 235 -3.94 13.78 -13.96
C GLU A 235 -2.54 14.41 -13.86
N ALA A 236 -2.35 15.57 -14.49
CA ALA A 236 -1.11 16.36 -14.37
C ALA A 236 -0.84 16.60 -12.88
N TRP A 237 -1.86 17.04 -12.13
CA TRP A 237 -1.74 17.37 -10.69
C TRP A 237 -1.45 16.09 -9.88
N ILE A 238 -2.18 15.00 -10.10
CA ILE A 238 -1.86 13.68 -9.45
C ILE A 238 -0.38 13.32 -9.71
N GLY A 239 0.10 13.38 -10.95
CA GLY A 239 1.51 13.05 -11.28
C GLY A 239 2.50 13.98 -10.60
N SER A 240 2.11 15.24 -10.32
CA SER A 240 2.98 16.25 -9.67
C SER A 240 3.38 15.80 -8.25
N LEU A 241 2.45 15.27 -7.43
CA LEU A 241 2.81 14.69 -6.11
C LEU A 241 3.57 13.38 -6.29
N LEU A 242 3.17 12.56 -7.25
CA LEU A 242 3.74 11.21 -7.43
C LEU A 242 5.19 11.33 -7.91
N PHE A 243 5.50 12.22 -8.85
CA PHE A 243 6.84 12.23 -9.50
C PHE A 243 7.76 13.37 -9.01
N GLY A 244 7.27 14.29 -8.18
CA GLY A 244 8.12 15.34 -7.54
C GLY A 244 8.23 16.60 -8.39
N LEU A 245 7.11 17.20 -8.77
CA LEU A 245 7.07 18.36 -9.70
C LEU A 245 6.41 19.52 -8.98
N PRO A 246 7.14 20.24 -8.12
CA PRO A 246 6.52 21.23 -7.23
C PRO A 246 5.84 22.43 -7.94
N LEU A 247 6.35 22.87 -9.11
CA LEU A 247 5.73 24.01 -9.85
C LEU A 247 4.41 23.52 -10.49
N LEU A 248 4.37 22.30 -11.01
CA LEU A 248 3.13 21.72 -11.58
C LEU A 248 2.09 21.53 -10.47
N PHE A 249 2.53 21.23 -9.26
CA PHE A 249 1.62 21.05 -8.11
C PHE A 249 0.89 22.37 -7.83
N LEU A 250 1.59 23.49 -7.90
CA LEU A 250 0.98 24.81 -7.61
C LEU A 250 0.11 25.28 -8.78
N GLU A 251 0.62 25.16 -10.00
CA GLU A 251 -0.08 25.66 -11.22
C GLU A 251 -1.32 24.84 -11.58
N GLU A 252 -1.35 23.55 -11.27
CA GLU A 252 -2.51 22.69 -11.62
C GLU A 252 -3.33 22.37 -10.37
N PHE A 253 -3.20 23.17 -9.32
CA PHE A 253 -3.91 22.81 -8.07
C PHE A 253 -5.40 22.83 -8.38
N PRO A 254 -6.15 21.74 -8.12
CA PRO A 254 -7.52 21.63 -8.63
C PRO A 254 -8.55 22.43 -7.82
N ASP A 255 -9.65 22.75 -8.48
CA ASP A 255 -10.77 23.54 -7.93
C ASP A 255 -11.59 22.61 -7.05
N ILE A 256 -11.55 22.83 -5.74
CA ILE A 256 -12.16 21.92 -4.73
C ILE A 256 -13.68 21.96 -4.89
N GLY A 257 -14.28 23.15 -5.04
CA GLY A 257 -15.73 23.32 -5.28
C GLY A 257 -16.27 22.48 -6.43
N ARG A 258 -15.53 22.35 -7.54
CA ARG A 258 -15.95 21.54 -8.73
C ARG A 258 -15.83 20.05 -8.41
N LEU A 259 -14.73 19.59 -7.81
CA LEU A 259 -14.57 18.15 -7.41
C LEU A 259 -15.71 17.75 -6.47
N GLU A 260 -16.05 18.56 -5.46
CA GLU A 260 -17.24 18.35 -4.59
C GLU A 260 -18.48 18.14 -5.45
N SER A 261 -18.72 19.05 -6.39
CA SER A 261 -19.92 19.02 -7.26
C SER A 261 -19.93 17.72 -8.09
N TYR A 262 -18.80 17.29 -8.69
CA TYR A 262 -18.73 16.02 -9.50
C TYR A 262 -19.09 14.82 -8.62
N ILE A 263 -18.60 14.76 -7.38
CA ILE A 263 -18.76 13.59 -6.47
C ILE A 263 -20.21 13.55 -5.99
N GLU A 264 -20.78 14.70 -5.63
CA GLU A 264 -22.18 14.81 -5.17
C GLU A 264 -23.13 14.43 -6.32
N GLU A 265 -22.84 14.75 -7.58
CA GLU A 265 -23.77 14.43 -8.69
C GLU A 265 -23.74 12.92 -8.91
N LEU A 266 -22.56 12.29 -8.95
CA LEU A 266 -22.40 10.83 -9.13
C LEU A 266 -23.07 10.06 -7.98
N ALA A 267 -22.93 10.53 -6.74
CA ALA A 267 -23.46 9.86 -5.52
C ALA A 267 -24.98 9.99 -5.51
N GLU A 268 -25.48 11.17 -5.87
CA GLU A 268 -26.93 11.45 -5.94
C GLU A 268 -27.61 10.58 -7.02
N THR A 269 -26.96 10.42 -8.17
CA THR A 269 -27.47 9.65 -9.34
C THR A 269 -27.55 8.18 -8.93
N TRP A 270 -26.51 7.66 -8.26
CA TRP A 270 -26.47 6.28 -7.73
C TRP A 270 -27.65 6.09 -6.76
N GLY A 271 -27.81 7.03 -5.83
CA GLY A 271 -28.93 7.06 -4.87
C GLY A 271 -30.30 6.95 -5.55
N GLY A 272 -30.59 7.74 -6.59
CA GLY A 272 -31.88 7.74 -7.31
C GLY A 272 -32.13 6.48 -8.15
N ALA A 273 -31.09 5.78 -8.60
CA ALA A 273 -31.18 4.52 -9.37
C ALA A 273 -31.57 3.35 -8.46
N ILE A 274 -31.69 3.57 -7.14
CA ILE A 274 -32.07 2.53 -6.14
C ILE A 274 -33.60 2.40 -6.11
N ALA A 275 -34.11 1.21 -6.48
CA ALA A 275 -35.54 0.85 -6.56
C ALA A 275 -35.92 -0.02 -5.35
N VAL A 276 -36.99 0.37 -4.66
CA VAL A 276 -37.56 -0.33 -3.49
C VAL A 276 -38.99 -0.74 -3.84
N ASN A 277 -39.28 -2.03 -3.74
CA ASN A 277 -40.65 -2.58 -3.84
C ASN A 277 -41.12 -2.92 -2.42
N ALA A 278 -41.99 -2.07 -1.85
CA ALA A 278 -42.63 -2.21 -0.51
C ALA A 278 -43.22 -3.62 -0.35
N GLU A 279 -43.98 -4.10 -1.34
CA GLU A 279 -44.80 -5.33 -1.24
C GLU A 279 -43.89 -6.57 -1.16
N GLU A 280 -42.95 -6.75 -2.09
CA GLU A 280 -42.05 -7.95 -2.09
C GLU A 280 -40.79 -7.70 -1.23
N LYS A 281 -40.66 -6.53 -0.58
CA LYS A 281 -39.55 -6.18 0.33
C LYS A 281 -38.20 -6.39 -0.39
N ALA A 282 -38.01 -5.73 -1.54
CA ALA A 282 -36.85 -5.91 -2.44
C ALA A 282 -36.17 -4.55 -2.68
N VAL A 283 -34.86 -4.48 -2.45
CA VAL A 283 -34.03 -3.28 -2.76
C VAL A 283 -33.13 -3.68 -3.94
N THR A 284 -33.19 -2.91 -5.03
CA THR A 284 -32.30 -3.08 -6.22
C THR A 284 -31.56 -1.78 -6.44
N ARG A 285 -30.24 -1.85 -6.35
CA ARG A 285 -29.40 -0.70 -6.69
C ARG A 285 -29.05 -0.90 -8.15
N ARG A 286 -29.80 -0.23 -9.04
CA ARG A 286 -29.71 -0.38 -10.51
C ARG A 286 -28.36 0.07 -11.04
N LEU A 287 -27.76 1.05 -10.39
CA LEU A 287 -26.42 1.51 -10.77
C LEU A 287 -25.38 1.04 -9.74
N ALA A 288 -24.25 0.56 -10.23
CA ALA A 288 -23.03 0.30 -9.44
C ALA A 288 -22.06 1.48 -9.60
N PHE A 289 -21.34 1.81 -8.52
CA PHE A 289 -20.19 2.74 -8.53
C PHE A 289 -19.05 2.05 -9.28
N GLY A 290 -18.30 2.80 -10.07
CA GLY A 290 -17.05 2.36 -10.73
C GLY A 290 -15.84 3.00 -10.08
N SER A 291 -14.65 2.46 -10.40
CA SER A 291 -13.34 2.84 -9.81
C SER A 291 -13.13 4.35 -9.95
N GLY A 292 -13.75 5.00 -10.93
CA GLY A 292 -13.56 6.45 -11.19
C GLY A 292 -14.22 7.31 -10.13
N PHE A 293 -15.33 6.87 -9.56
CA PHE A 293 -15.93 7.51 -8.36
C PHE A 293 -14.92 7.41 -7.20
N GLY A 294 -14.25 6.27 -7.06
CA GLY A 294 -13.23 6.08 -6.01
C GLY A 294 -12.08 7.05 -6.18
N THR A 295 -11.53 7.13 -7.40
CA THR A 295 -10.40 8.01 -7.75
C THR A 295 -10.79 9.49 -7.52
N LEU A 296 -12.00 9.92 -7.88
CA LEU A 296 -12.43 11.33 -7.61
C LEU A 296 -12.49 11.59 -6.09
N VAL A 297 -12.96 10.64 -5.29
CA VAL A 297 -13.03 10.79 -3.81
C VAL A 297 -11.60 10.95 -3.23
N LYS A 298 -10.68 10.08 -3.62
CA LYS A 298 -9.27 10.12 -3.15
C LYS A 298 -8.64 11.45 -3.58
N LEU A 299 -9.00 11.92 -4.78
CA LEU A 299 -8.47 13.15 -5.41
C LEU A 299 -8.93 14.37 -4.63
N LEU A 300 -10.22 14.43 -4.26
CA LEU A 300 -10.75 15.55 -3.46
C LEU A 300 -10.08 15.51 -2.08
N PHE A 301 -9.88 14.31 -1.51
CA PHE A 301 -9.28 14.19 -0.16
C PHE A 301 -7.83 14.69 -0.19
N GLN A 302 -7.04 14.30 -1.21
CA GLN A 302 -5.62 14.69 -1.32
C GLN A 302 -5.51 16.20 -1.55
N ALA A 303 -6.45 16.82 -2.27
CA ALA A 303 -6.52 18.30 -2.41
C ALA A 303 -6.83 18.95 -1.05
N ARG A 304 -7.75 18.40 -0.25
CA ARG A 304 -8.11 19.00 1.06
C ARG A 304 -6.88 18.93 1.99
N ILE A 305 -6.19 17.78 2.00
CA ILE A 305 -4.97 17.52 2.81
C ILE A 305 -3.88 18.55 2.47
N THR A 306 -3.71 18.92 1.19
CA THR A 306 -2.55 19.73 0.70
C THR A 306 -2.93 21.19 0.44
N ARG A 307 -4.19 21.62 0.58
CA ARG A 307 -4.62 22.99 0.12
C ARG A 307 -3.93 24.09 0.95
N GLY A 308 -3.48 23.78 2.17
CA GLY A 308 -2.73 24.73 3.02
C GLY A 308 -1.41 25.16 2.40
N LEU A 309 -0.88 24.44 1.39
CA LEU A 309 0.43 24.77 0.74
C LEU A 309 0.21 25.76 -0.40
N LEU A 310 -1.02 25.91 -0.90
CA LEU A 310 -1.28 26.69 -2.14
C LEU A 310 -1.14 28.20 -1.87
N VAL A 311 -0.61 28.94 -2.86
CA VAL A 311 -0.51 30.42 -2.89
C VAL A 311 -0.78 30.86 -4.32
N GLU A 312 -0.93 32.17 -4.51
CA GLU A 312 -1.19 32.76 -5.84
C GLU A 312 0.15 33.02 -6.55
N GLU A 313 0.11 33.22 -7.86
CA GLU A 313 1.32 33.56 -8.64
C GLU A 313 1.79 34.92 -8.17
N PRO A 314 3.10 35.25 -8.21
CA PRO A 314 4.13 34.35 -8.70
C PRO A 314 4.67 33.31 -7.71
N TYR A 315 5.45 32.37 -8.21
CA TYR A 315 6.04 31.30 -7.38
C TYR A 315 7.56 31.47 -7.30
N SER A 316 8.07 31.77 -6.11
CA SER A 316 9.51 31.96 -5.85
C SER A 316 10.24 30.61 -5.74
N ILE A 317 11.55 30.59 -6.00
CA ILE A 317 12.41 29.43 -5.69
C ILE A 317 12.27 29.12 -4.18
N GLU A 318 12.17 30.13 -3.32
CA GLU A 318 11.98 29.91 -1.85
C GLU A 318 10.66 29.18 -1.57
N LYS A 319 9.56 29.54 -2.20
CA LYS A 319 8.26 28.85 -1.99
C LYS A 319 8.36 27.37 -2.45
N LEU A 320 9.09 27.12 -3.53
CA LEU A 320 9.17 25.77 -4.15
C LEU A 320 10.04 24.85 -3.28
N TYR A 321 11.10 25.35 -2.64
CA TYR A 321 11.87 24.59 -1.60
C TYR A 321 10.93 24.14 -0.47
N SER A 322 10.07 25.02 0.04
CA SER A 322 9.26 24.74 1.26
C SER A 322 8.12 23.78 0.93
N VAL A 323 7.49 23.94 -0.22
CA VAL A 323 6.40 23.01 -0.68
C VAL A 323 7.05 21.62 -0.83
N SER A 324 8.20 21.54 -1.49
CA SER A 324 8.97 20.28 -1.72
C SER A 324 9.31 19.60 -0.38
N ASP A 325 9.72 20.37 0.62
CA ASP A 325 10.08 19.88 1.99
C ASP A 325 8.89 19.20 2.66
N ARG A 326 7.67 19.72 2.52
CA ARG A 326 6.46 19.06 3.07
C ARG A 326 6.04 17.85 2.22
N LEU A 327 6.19 17.89 0.90
CA LEU A 327 5.49 16.92 0.02
C LEU A 327 6.40 15.74 -0.32
N PHE A 328 7.71 15.91 -0.42
CA PHE A 328 8.61 14.92 -1.07
C PHE A 328 9.66 14.40 -0.08
N ARG A 329 10.17 13.20 -0.38
CA ARG A 329 11.12 12.40 0.45
C ARG A 329 12.16 11.75 -0.46
N GLY A 330 13.09 11.00 0.14
CA GLY A 330 14.13 10.22 -0.54
C GLY A 330 14.82 10.99 -1.65
N SER A 331 15.10 10.30 -2.76
CA SER A 331 15.82 10.82 -3.94
C SER A 331 14.95 11.78 -4.74
N THR A 332 13.62 11.76 -4.54
CA THR A 332 12.67 12.68 -5.22
C THR A 332 12.94 14.10 -4.70
N LEU A 333 13.00 14.27 -3.38
CA LEU A 333 13.30 15.59 -2.74
C LEU A 333 14.70 16.08 -3.15
N GLN A 334 15.71 15.22 -3.10
CA GLN A 334 17.12 15.60 -3.36
C GLN A 334 17.28 16.01 -4.83
N ARG A 335 16.51 15.44 -5.74
CA ARG A 335 16.45 15.90 -7.15
C ARG A 335 15.81 17.29 -7.25
N VAL A 336 14.71 17.53 -6.53
CA VAL A 336 14.07 18.88 -6.50
C VAL A 336 15.13 19.90 -6.07
N ARG A 337 15.88 19.59 -5.00
CA ARG A 337 16.83 20.56 -4.36
C ARG A 337 17.96 20.87 -5.34
N VAL A 338 18.45 19.88 -6.09
CA VAL A 338 19.57 20.08 -7.06
C VAL A 338 19.06 20.97 -8.21
N ALA A 339 17.88 20.69 -8.78
CA ALA A 339 17.27 21.48 -9.87
C ALA A 339 17.13 22.94 -9.42
N LEU A 340 16.46 23.16 -8.29
CA LEU A 340 16.20 24.51 -7.74
C LEU A 340 17.54 25.20 -7.41
N GLY A 341 18.48 24.49 -6.79
CA GLY A 341 19.82 25.01 -6.44
C GLY A 341 20.58 25.54 -7.65
N LYS A 342 20.54 24.86 -8.81
CA LYS A 342 21.21 25.35 -10.04
C LYS A 342 20.59 26.68 -10.49
N ILE A 343 19.27 26.87 -10.29
CA ILE A 343 18.55 28.10 -10.74
C ILE A 343 18.93 29.25 -9.79
N GLU A 344 18.87 29.01 -8.49
CA GLU A 344 19.31 29.94 -7.43
C GLU A 344 20.77 30.38 -7.65
N ASP A 345 21.71 29.44 -7.78
CA ASP A 345 23.15 29.72 -8.02
C ASP A 345 23.31 30.73 -9.16
N LYS A 346 22.69 30.46 -10.30
CA LYS A 346 22.77 31.31 -11.52
C LYS A 346 22.16 32.68 -11.21
N ALA A 347 21.08 32.74 -10.41
CA ALA A 347 20.36 33.99 -10.06
C ALA A 347 21.26 34.86 -9.18
N ILE A 348 22.04 34.25 -8.30
CA ILE A 348 23.01 34.97 -7.43
C ILE A 348 24.06 35.63 -8.35
N LYS A 349 24.60 34.89 -9.31
CA LYS A 349 25.63 35.39 -10.29
C LYS A 349 25.09 36.64 -11.01
N TYR A 350 23.82 36.63 -11.47
CA TYR A 350 23.14 37.79 -12.12
C TYR A 350 22.98 38.96 -11.13
N ALA A 351 22.52 38.71 -9.91
CA ALA A 351 22.27 39.74 -8.87
C ALA A 351 23.59 40.40 -8.46
N ARG A 352 24.68 39.63 -8.43
CA ARG A 352 26.05 40.12 -8.09
C ARG A 352 26.51 41.13 -9.15
N LYS A 353 26.11 40.94 -10.41
CA LYS A 353 26.43 41.84 -11.55
C LYS A 353 25.38 42.96 -11.65
N GLY A 354 24.42 43.02 -10.74
CA GLY A 354 23.34 44.03 -10.72
C GLY A 354 22.33 43.84 -11.85
N ALA A 355 22.33 42.68 -12.52
CA ALA A 355 21.39 42.32 -13.62
C ALA A 355 20.20 41.52 -13.06
N PHE A 356 18.98 41.89 -13.47
CA PHE A 356 17.69 41.28 -13.03
C PHE A 356 16.84 40.92 -14.24
N PRO A 357 17.25 39.91 -15.05
CA PRO A 357 16.49 39.50 -16.22
C PRO A 357 15.07 39.03 -15.89
N ARG A 358 14.16 39.08 -16.87
CA ARG A 358 12.72 38.79 -16.68
C ARG A 358 12.21 37.99 -17.87
N ASP A 359 11.25 37.08 -17.63
CA ASP A 359 10.51 36.36 -18.69
C ASP A 359 11.51 35.70 -19.64
N ILE A 360 12.64 35.21 -19.14
CA ILE A 360 13.70 34.59 -19.98
C ILE A 360 13.54 33.07 -19.92
N PRO A 361 13.60 32.38 -21.08
CA PRO A 361 13.61 30.92 -21.10
C PRO A 361 14.72 30.37 -20.19
N LEU A 362 14.37 29.38 -19.38
CA LEU A 362 15.31 28.71 -18.44
C LEU A 362 16.56 28.27 -19.23
N ARG A 363 16.40 27.83 -20.49
CA ARG A 363 17.53 27.36 -21.33
C ARG A 363 18.55 28.49 -21.42
N ASP A 364 18.08 29.71 -21.68
CA ASP A 364 18.93 30.93 -21.84
C ASP A 364 19.47 31.34 -20.47
N PHE A 365 18.62 31.34 -19.44
CA PHE A 365 18.98 31.72 -18.05
C PHE A 365 20.15 30.86 -17.55
N LEU A 366 20.14 29.55 -17.78
CA LEU A 366 21.22 28.62 -17.35
C LEU A 366 22.41 28.68 -18.30
N GLY A 367 22.26 29.25 -19.50
CA GLY A 367 23.32 29.40 -20.51
C GLY A 367 23.40 28.22 -21.46
N PHE A 368 22.28 27.53 -21.71
CA PHE A 368 22.24 26.38 -22.65
C PHE A 368 22.30 26.93 -24.09
N ASP A 369 22.74 26.08 -25.02
CA ASP A 369 23.14 26.45 -26.40
C ASP A 369 21.89 26.35 -27.29
N ALA A 370 21.96 25.71 -28.45
CA ALA A 370 20.82 25.57 -29.39
C ALA A 370 20.51 24.11 -29.70
N ALA A 371 21.46 23.20 -29.45
CA ALA A 371 21.53 21.79 -29.95
C ALA A 371 20.15 21.13 -30.01
N ASN A 372 19.36 21.23 -28.92
CA ASN A 372 18.00 20.64 -28.79
C ASN A 372 17.02 21.69 -28.25
N ARG A 373 15.78 21.67 -28.76
CA ARG A 373 14.63 22.49 -28.26
C ARG A 373 13.39 21.62 -28.03
N GLU A 374 13.48 20.31 -28.30
CA GLU A 374 12.34 19.37 -28.08
C GLU A 374 12.21 19.14 -26.57
N VAL A 375 11.00 18.85 -26.13
CA VAL A 375 10.61 18.57 -24.72
C VAL A 375 10.41 17.06 -24.60
N SER A 376 11.40 16.34 -24.05
CA SER A 376 11.34 14.87 -23.83
C SER A 376 10.72 14.58 -22.47
N PRO A 377 9.84 13.56 -22.36
CA PRO A 377 9.42 13.03 -21.06
C PRO A 377 10.59 12.85 -20.08
N ARG A 378 11.73 12.39 -20.56
CA ARG A 378 12.96 12.15 -19.76
C ARG A 378 13.36 13.43 -19.01
N ASN A 379 13.44 14.55 -19.71
CA ASN A 379 13.95 15.83 -19.13
C ASN A 379 12.88 16.47 -18.22
N VAL A 380 11.59 16.33 -18.53
CA VAL A 380 10.50 16.84 -17.64
C VAL A 380 10.52 16.08 -16.30
N LEU A 381 10.56 14.74 -16.33
CA LEU A 381 10.37 13.88 -15.12
C LEU A 381 11.66 13.80 -14.30
N ALA A 382 12.84 13.79 -14.95
CA ALA A 382 14.17 13.66 -14.27
C ALA A 382 14.58 14.96 -13.57
N HIS A 383 14.04 16.14 -13.93
CA HIS A 383 14.50 17.45 -13.42
C HIS A 383 13.38 18.20 -12.70
N ALA A 384 12.50 17.46 -12.02
CA ALA A 384 11.44 17.97 -11.14
C ALA A 384 10.49 18.88 -11.92
N GLY A 385 10.27 18.56 -13.21
CA GLY A 385 9.33 19.28 -14.10
C GLY A 385 9.83 20.67 -14.47
N LEU A 386 11.07 21.03 -14.10
CA LEU A 386 11.74 22.31 -14.48
C LEU A 386 12.63 22.06 -15.71
N GLU A 387 11.98 21.71 -16.82
CA GLU A 387 12.64 21.49 -18.13
C GLU A 387 12.93 22.85 -18.78
N ALA A 388 14.09 22.96 -19.44
CA ALA A 388 14.73 24.21 -19.93
C ALA A 388 13.87 24.92 -20.97
N ASN A 389 13.10 24.17 -21.77
CA ASN A 389 12.31 24.68 -22.92
C ASN A 389 10.88 25.08 -22.51
N VAL A 390 10.42 24.77 -21.31
CA VAL A 390 8.98 24.95 -20.92
C VAL A 390 8.83 25.96 -19.78
N VAL A 391 9.95 26.35 -19.16
CA VAL A 391 9.97 27.23 -17.95
C VAL A 391 10.55 28.60 -18.32
N GLU A 392 9.99 29.66 -17.72
CA GLU A 392 10.48 31.06 -17.85
C GLU A 392 10.83 31.61 -16.47
N VAL A 393 12.04 32.18 -16.34
CA VAL A 393 12.59 32.75 -15.08
C VAL A 393 12.40 34.28 -15.10
N SER A 394 11.92 34.83 -13.99
CA SER A 394 11.85 36.29 -13.73
C SER A 394 12.54 36.58 -12.40
N MET A 395 13.55 37.43 -12.44
CA MET A 395 14.14 38.08 -11.25
C MET A 395 13.43 39.43 -11.09
N GLU A 396 12.81 39.65 -9.94
CA GLU A 396 12.12 40.90 -9.60
C GLU A 396 13.15 41.75 -8.85
N ALA A 397 13.57 42.88 -9.44
CA ALA A 397 14.79 43.63 -9.04
C ALA A 397 14.66 44.15 -7.61
N TRP A 398 15.78 44.14 -6.90
CA TRP A 398 15.96 44.66 -5.52
C TRP A 398 17.42 45.15 -5.43
N GLU A 399 17.80 45.76 -4.30
CA GLU A 399 19.20 46.19 -4.03
C GLU A 399 19.92 45.09 -3.26
N PRO A 400 20.80 44.31 -3.91
CA PRO A 400 21.40 43.15 -3.27
C PRO A 400 22.38 43.66 -2.21
N LYS A 401 22.36 43.03 -1.03
CA LYS A 401 23.34 43.25 0.06
C LYS A 401 23.99 41.90 0.37
N ARG A 402 23.17 40.87 0.63
CA ARG A 402 23.57 39.45 0.82
C ARG A 402 22.91 38.62 -0.28
N PRO A 403 23.35 38.75 -1.56
CA PRO A 403 22.59 38.23 -2.70
C PRO A 403 22.35 36.71 -2.59
N GLU A 404 23.28 35.98 -1.96
CA GLU A 404 23.20 34.50 -1.81
C GLU A 404 22.08 34.13 -0.84
N GLU A 405 21.55 35.08 -0.04
CA GLU A 405 20.40 34.85 0.89
C GLU A 405 19.10 35.38 0.30
N GLU A 406 19.16 36.23 -0.72
CA GLU A 406 18.02 37.08 -1.14
C GLU A 406 17.43 36.59 -2.47
N ALA A 407 18.22 35.88 -3.30
CA ALA A 407 17.89 35.51 -4.69
C ALA A 407 16.63 34.64 -4.74
N GLY A 408 16.52 33.70 -3.80
CA GLY A 408 15.39 32.75 -3.67
C GLY A 408 14.05 33.44 -3.48
N ARG A 409 13.99 34.48 -2.63
CA ARG A 409 12.78 35.30 -2.41
C ARG A 409 12.37 35.98 -3.73
N HIS A 410 13.33 36.43 -4.53
CA HIS A 410 13.07 37.42 -5.61
C HIS A 410 13.09 36.77 -6.99
N THR A 411 13.37 35.47 -7.09
CA THR A 411 13.42 34.72 -8.37
C THR A 411 12.20 33.80 -8.47
N HIS A 412 11.37 34.02 -9.49
CA HIS A 412 10.06 33.35 -9.71
C HIS A 412 10.15 32.49 -10.97
N LEU A 413 9.44 31.35 -10.98
CA LEU A 413 9.34 30.44 -12.15
C LEU A 413 7.87 30.29 -12.53
N LYS A 414 7.63 30.06 -13.82
CA LYS A 414 6.30 29.88 -14.43
C LYS A 414 6.50 28.98 -15.65
N TYR A 415 5.53 28.10 -15.90
CA TYR A 415 5.40 27.43 -17.22
C TYR A 415 4.90 28.46 -18.25
N THR A 416 5.47 28.47 -19.45
CA THR A 416 4.88 29.14 -20.64
C THR A 416 3.56 28.45 -20.97
N PRO A 417 2.56 29.14 -21.56
CA PRO A 417 1.32 28.48 -21.99
C PRO A 417 1.49 27.21 -22.87
N VAL A 418 2.43 27.22 -23.81
CA VAL A 418 2.74 26.07 -24.70
C VAL A 418 3.47 25.00 -23.86
N GLY A 419 4.42 25.41 -23.02
CA GLY A 419 5.14 24.51 -22.09
C GLY A 419 4.20 23.76 -21.14
N LEU A 420 3.22 24.45 -20.54
CA LEU A 420 2.25 23.82 -19.62
C LEU A 420 1.57 22.65 -20.33
N LYS A 421 1.13 22.85 -21.58
CA LYS A 421 0.39 21.82 -22.35
C LYS A 421 1.29 20.60 -22.53
N LYS A 422 2.52 20.77 -23.03
CA LYS A 422 3.43 19.62 -23.29
C LYS A 422 3.65 18.87 -21.96
N VAL A 423 3.84 19.59 -20.86
CA VAL A 423 4.10 18.98 -19.53
C VAL A 423 2.88 18.16 -19.11
N GLU A 424 1.68 18.71 -19.24
CA GLU A 424 0.42 18.01 -18.94
C GLU A 424 0.39 16.68 -19.73
N ASP A 425 0.64 16.71 -21.04
CA ASP A 425 0.60 15.52 -21.94
C ASP A 425 1.58 14.47 -21.44
N ILE A 426 2.80 14.90 -21.10
CA ILE A 426 3.93 14.03 -20.66
C ILE A 426 3.60 13.35 -19.31
N VAL A 427 3.11 14.12 -18.33
CA VAL A 427 2.85 13.66 -16.92
C VAL A 427 1.62 12.75 -16.92
N SER A 428 0.56 13.16 -17.61
CA SER A 428 -0.70 12.40 -17.82
C SER A 428 -0.36 11.02 -18.41
N ARG A 429 0.50 10.98 -19.44
CA ARG A 429 0.90 9.73 -20.13
C ARG A 429 1.73 8.87 -19.16
N ALA A 430 2.68 9.47 -18.44
CA ALA A 430 3.53 8.74 -17.47
C ALA A 430 2.66 8.08 -16.38
N LEU A 431 1.66 8.78 -15.86
CA LEU A 431 0.71 8.28 -14.83
C LEU A 431 -0.04 7.06 -15.39
N LYS A 432 -0.43 7.11 -16.67
CA LYS A 432 -1.24 6.05 -17.34
C LYS A 432 -0.36 4.83 -17.67
N GLU A 433 0.88 5.02 -18.12
CA GLU A 433 1.81 3.90 -18.44
C GLU A 433 2.18 3.19 -17.14
N SER A 434 2.57 3.94 -16.10
CA SER A 434 2.91 3.42 -14.74
C SER A 434 1.70 3.56 -13.81
N MET B 3 0.47 -18.14 -13.91
CA MET B 3 0.17 -19.00 -12.73
C MET B 3 -1.04 -18.46 -11.95
N LYS B 4 -2.03 -19.32 -11.69
CA LYS B 4 -3.30 -18.97 -10.97
C LYS B 4 -3.31 -19.61 -9.59
N LEU B 5 -3.41 -18.79 -8.54
CA LEU B 5 -3.30 -19.22 -7.12
C LEU B 5 -4.60 -18.88 -6.40
N LEU B 6 -5.22 -19.90 -5.78
CA LEU B 6 -6.45 -19.76 -4.97
C LEU B 6 -6.07 -19.92 -3.50
N VAL B 7 -6.34 -18.88 -2.70
CA VAL B 7 -6.16 -18.85 -1.24
C VAL B 7 -7.54 -18.70 -0.58
N VAL B 8 -7.90 -19.57 0.35
CA VAL B 8 -9.21 -19.51 1.08
C VAL B 8 -8.96 -19.45 2.59
N SER B 9 -9.78 -18.68 3.29
CA SER B 9 -9.71 -18.46 4.76
C SER B 9 -10.83 -19.27 5.39
N TRP B 10 -10.49 -20.23 6.26
CA TRP B 10 -11.46 -21.12 6.94
C TRP B 10 -11.41 -20.94 8.47
N GLY B 11 -12.59 -21.05 9.11
CA GLY B 11 -12.71 -21.22 10.56
C GLY B 11 -13.10 -22.64 10.94
N ASP B 12 -14.27 -22.83 11.55
CA ASP B 12 -14.75 -24.17 11.97
C ASP B 12 -15.50 -24.80 10.79
N PHE B 13 -14.75 -25.26 9.79
CA PHE B 13 -15.28 -25.72 8.46
C PHE B 13 -16.26 -26.90 8.65
N GLU B 14 -15.96 -27.81 9.60
CA GLU B 14 -16.83 -28.99 9.91
C GLU B 14 -18.19 -28.55 10.47
N ARG B 15 -18.42 -27.29 10.83
CA ARG B 15 -19.72 -26.83 11.42
C ARG B 15 -20.63 -26.23 10.34
N ALA B 16 -20.13 -25.93 9.14
CA ALA B 16 -20.90 -25.39 8.00
C ALA B 16 -22.07 -26.31 7.67
N LYS B 17 -23.23 -25.75 7.31
CA LYS B 17 -24.42 -26.52 6.88
C LYS B 17 -24.36 -26.71 5.36
N GLU B 18 -24.94 -27.81 4.86
CA GLU B 18 -25.18 -28.00 3.40
C GLU B 18 -26.08 -26.85 2.89
N THR B 19 -25.62 -26.14 1.86
CA THR B 19 -26.43 -25.17 1.08
C THR B 19 -26.10 -25.34 -0.40
N LYS B 20 -26.54 -24.41 -1.23
CA LYS B 20 -26.05 -24.27 -2.62
C LYS B 20 -25.49 -22.87 -2.84
N TYR B 21 -24.49 -22.82 -3.74
CA TYR B 21 -23.73 -21.62 -4.12
C TYR B 21 -23.93 -21.40 -5.62
N ARG B 22 -23.93 -20.13 -6.02
CA ARG B 22 -23.95 -19.64 -7.42
C ARG B 22 -22.60 -18.99 -7.69
N PHE B 23 -21.99 -19.21 -8.86
CA PHE B 23 -20.66 -18.67 -9.20
C PHE B 23 -20.29 -18.98 -10.65
N GLY B 24 -20.00 -17.94 -11.42
CA GLY B 24 -19.62 -18.04 -12.84
C GLY B 24 -20.66 -18.79 -13.65
N GLY B 25 -21.95 -18.56 -13.37
CA GLY B 25 -23.08 -19.22 -14.04
C GLY B 25 -23.09 -20.72 -13.80
N GLU B 26 -22.34 -21.22 -12.81
CA GLU B 26 -22.45 -22.59 -12.29
C GLU B 26 -23.26 -22.53 -10.99
N THR B 27 -23.63 -23.69 -10.48
CA THR B 27 -24.36 -23.86 -9.21
C THR B 27 -23.74 -25.07 -8.51
N SER B 28 -23.87 -25.17 -7.19
CA SER B 28 -23.21 -26.25 -6.41
C SER B 28 -23.87 -26.44 -5.05
N VAL B 29 -23.91 -27.69 -4.59
CA VAL B 29 -24.55 -28.14 -3.32
C VAL B 29 -23.45 -28.70 -2.40
N GLY B 30 -23.39 -28.19 -1.17
CA GLY B 30 -22.49 -28.75 -0.15
C GLY B 30 -22.25 -27.73 0.95
N PRO B 31 -21.31 -28.02 1.88
CA PRO B 31 -21.01 -27.11 2.99
C PRO B 31 -19.86 -26.11 2.76
N SER B 32 -19.27 -26.06 1.56
CA SER B 32 -18.04 -25.28 1.26
C SER B 32 -18.15 -24.62 -0.13
N THR B 33 -17.61 -23.41 -0.25
CA THR B 33 -17.45 -22.73 -1.54
C THR B 33 -16.30 -23.38 -2.33
N LEU B 34 -15.35 -24.05 -1.69
CA LEU B 34 -14.07 -24.39 -2.37
C LEU B 34 -14.30 -25.21 -3.65
N PRO B 35 -15.20 -26.23 -3.73
CA PRO B 35 -15.37 -26.96 -4.99
C PRO B 35 -15.84 -26.11 -6.20
N ILE B 36 -16.84 -25.24 -6.05
CA ILE B 36 -17.32 -24.37 -7.17
C ILE B 36 -16.27 -23.30 -7.53
N LEU B 37 -15.47 -22.85 -6.56
CA LEU B 37 -14.36 -21.90 -6.81
C LEU B 37 -13.32 -22.60 -7.68
N GLN B 38 -12.94 -23.83 -7.35
CA GLN B 38 -11.92 -24.61 -8.11
C GLN B 38 -12.44 -24.92 -9.52
N LYS B 39 -13.74 -25.22 -9.67
CA LYS B 39 -14.35 -25.61 -10.96
C LYS B 39 -14.35 -24.39 -11.91
N VAL B 40 -14.80 -23.24 -11.45
CA VAL B 40 -14.88 -21.99 -12.27
C VAL B 40 -13.47 -21.42 -12.50
N ILE B 41 -12.67 -21.21 -11.46
CA ILE B 41 -11.39 -20.45 -11.57
C ILE B 41 -10.33 -21.36 -12.20
N LYS B 42 -10.39 -22.66 -11.95
CA LYS B 42 -9.39 -23.66 -12.43
C LYS B 42 -7.98 -23.18 -12.09
N PRO B 43 -7.62 -23.11 -10.79
CA PRO B 43 -6.29 -22.66 -10.38
C PRO B 43 -5.21 -23.74 -10.53
N ASP B 44 -3.96 -23.31 -10.70
CA ASP B 44 -2.77 -24.21 -10.73
C ASP B 44 -2.47 -24.72 -9.31
N TRP B 45 -2.78 -23.95 -8.28
CA TRP B 45 -2.49 -24.36 -6.88
C TRP B 45 -3.51 -23.73 -5.92
N THR B 46 -3.91 -24.48 -4.88
CA THR B 46 -4.83 -24.04 -3.80
C THR B 46 -4.09 -24.02 -2.45
N VAL B 47 -4.27 -22.95 -1.69
CA VAL B 47 -3.81 -22.83 -0.29
C VAL B 47 -5.05 -22.71 0.60
N ILE B 48 -5.10 -23.50 1.68
CA ILE B 48 -6.14 -23.37 2.73
C ILE B 48 -5.46 -22.79 3.97
N VAL B 49 -5.98 -21.67 4.45
CA VAL B 49 -5.56 -21.01 5.71
C VAL B 49 -6.66 -21.17 6.75
N LEU B 50 -6.34 -21.76 7.90
CA LEU B 50 -7.25 -21.82 9.08
C LEU B 50 -6.46 -21.74 10.37
N SER B 51 -7.20 -21.60 11.47
CA SER B 51 -6.71 -21.54 12.86
C SER B 51 -6.54 -22.97 13.40
N ASP B 52 -5.44 -23.21 14.13
CA ASP B 52 -5.18 -24.48 14.86
C ASP B 52 -6.17 -24.67 16.02
N THR B 53 -6.99 -23.67 16.36
CA THR B 53 -7.93 -23.71 17.51
C THR B 53 -9.10 -24.71 17.26
N ILE B 54 -9.19 -25.37 16.12
CA ILE B 54 -10.17 -26.48 15.94
C ILE B 54 -9.53 -27.81 16.39
N GLY B 55 -8.22 -27.86 16.62
CA GLY B 55 -7.51 -29.11 16.97
C GLY B 55 -7.84 -29.60 18.37
N LYS B 56 -7.75 -30.92 18.63
CA LYS B 56 -8.14 -31.54 19.93
C LYS B 56 -7.06 -32.47 20.51
N ASP B 57 -6.10 -32.97 19.72
CA ASP B 57 -5.02 -33.88 20.22
C ASP B 57 -3.90 -33.05 20.87
N PHE B 58 -3.93 -32.90 22.19
CA PHE B 58 -3.03 -32.00 22.96
C PHE B 58 -1.79 -32.72 23.49
N SER B 59 -1.46 -33.91 22.99
CA SER B 59 -0.25 -34.65 23.48
C SER B 59 1.02 -33.87 23.16
N SER B 60 1.04 -33.08 22.07
CA SER B 60 2.23 -32.31 21.60
C SER B 60 1.80 -31.31 20.51
N VAL B 61 2.72 -30.47 20.07
CA VAL B 61 2.48 -29.46 18.99
C VAL B 61 2.30 -30.19 17.65
N GLU B 62 3.17 -31.15 17.33
CA GLU B 62 3.13 -31.88 16.04
C GLU B 62 1.82 -32.69 16.00
N THR B 63 1.33 -33.23 17.11
CA THR B 63 0.05 -33.99 17.13
C THR B 63 -1.14 -33.04 16.89
N LEU B 64 -1.13 -31.86 17.49
CA LEU B 64 -2.16 -30.80 17.28
C LEU B 64 -2.28 -30.49 15.78
N ARG B 65 -1.16 -30.25 15.12
CA ARG B 65 -1.18 -29.92 13.67
C ARG B 65 -1.68 -31.13 12.88
N GLU B 66 -1.23 -32.31 13.26
CA GLU B 66 -1.62 -33.59 12.60
C GLU B 66 -3.14 -33.77 12.68
N ASP B 67 -3.71 -33.56 13.87
CA ASP B 67 -5.18 -33.60 14.07
C ASP B 67 -5.85 -32.65 13.07
N VAL B 68 -5.47 -31.37 13.06
CA VAL B 68 -6.08 -30.31 12.21
C VAL B 68 -5.93 -30.70 10.73
N ARG B 69 -4.76 -31.21 10.34
CA ARG B 69 -4.46 -31.51 8.93
C ARG B 69 -5.27 -32.72 8.45
N ASN B 70 -5.39 -33.77 9.27
CA ASN B 70 -6.24 -34.96 9.01
C ASN B 70 -7.70 -34.52 8.85
N ARG B 71 -8.18 -33.60 9.69
CA ARG B 71 -9.59 -33.12 9.62
C ARG B 71 -9.83 -32.35 8.32
N VAL B 72 -8.85 -31.57 7.84
CA VAL B 72 -8.94 -30.87 6.52
C VAL B 72 -8.96 -31.94 5.42
N MET B 73 -8.01 -32.89 5.42
CA MET B 73 -7.91 -33.89 4.31
C MET B 73 -9.17 -34.77 4.30
N ASP B 74 -9.71 -35.15 5.46
CA ASP B 74 -11.00 -35.90 5.53
C ASP B 74 -12.12 -35.08 4.88
N PHE B 75 -12.20 -33.77 5.17
CA PHE B 75 -13.28 -32.88 4.68
C PHE B 75 -13.15 -32.63 3.18
N LEU B 76 -11.93 -32.59 2.65
CA LEU B 76 -11.69 -32.42 1.18
C LEU B 76 -12.24 -33.66 0.43
N ASP B 77 -11.95 -34.87 0.91
CA ASP B 77 -12.49 -36.14 0.30
C ASP B 77 -14.03 -36.10 0.28
N ARG B 78 -14.63 -35.68 1.39
CA ARG B 78 -16.10 -35.60 1.58
C ARG B 78 -16.71 -34.65 0.54
N ILE B 79 -16.15 -33.45 0.34
CA ILE B 79 -16.71 -32.43 -0.58
C ILE B 79 -16.16 -32.64 -1.99
N GLY B 80 -15.21 -33.57 -2.18
CA GLY B 80 -14.56 -33.87 -3.47
C GLY B 80 -13.79 -32.68 -4.03
N ALA B 81 -12.65 -32.31 -3.42
CA ALA B 81 -11.84 -31.12 -3.81
C ALA B 81 -10.40 -31.50 -4.21
N GLY B 82 -9.99 -32.76 -4.04
CA GLY B 82 -8.63 -33.24 -4.39
C GLY B 82 -7.59 -32.90 -3.33
N ARG B 83 -6.44 -33.59 -3.38
CA ARG B 83 -5.33 -33.50 -2.39
C ARG B 83 -4.32 -32.39 -2.78
N GLU B 84 -4.36 -31.86 -4.01
CA GLU B 84 -3.31 -30.98 -4.60
C GLU B 84 -3.36 -29.59 -3.92
N VAL B 85 -3.13 -29.56 -2.60
CA VAL B 85 -3.42 -28.37 -1.74
C VAL B 85 -2.24 -28.13 -0.80
N ASP B 86 -1.99 -26.88 -0.42
CA ASP B 86 -1.14 -26.55 0.76
C ASP B 86 -2.09 -26.19 1.91
N VAL B 87 -1.75 -26.59 3.14
CA VAL B 87 -2.58 -26.26 4.34
C VAL B 87 -1.73 -25.43 5.29
N ILE B 88 -2.09 -24.17 5.51
CA ILE B 88 -1.39 -23.28 6.48
C ILE B 88 -2.21 -23.31 7.78
N ILE B 89 -1.61 -23.82 8.85
CA ILE B 89 -2.28 -24.04 10.16
C ILE B 89 -1.76 -22.93 11.07
N ALA B 90 -2.43 -21.78 11.01
CA ALA B 90 -2.02 -20.53 11.68
C ALA B 90 -2.22 -20.70 13.19
N PRO B 91 -1.35 -20.07 14.02
CA PRO B 91 -1.57 -20.03 15.47
C PRO B 91 -2.75 -19.12 15.84
N GLY B 92 -3.87 -19.72 16.26
CA GLY B 92 -5.08 -18.99 16.70
C GLY B 92 -5.16 -18.83 18.22
N ILE B 93 -6.16 -18.10 18.69
CA ILE B 93 -6.29 -17.81 20.15
C ILE B 93 -7.74 -18.02 20.62
N GLY B 94 -7.91 -18.24 21.92
CA GLY B 94 -9.21 -18.24 22.60
C GLY B 94 -9.39 -19.46 23.50
N GLU B 95 -10.36 -19.36 24.41
CA GLU B 95 -10.76 -20.44 25.35
C GLU B 95 -11.99 -21.17 24.78
N PHE B 96 -11.88 -22.47 24.51
CA PHE B 96 -13.00 -23.30 24.00
C PHE B 96 -13.21 -24.47 24.97
N THR B 97 -14.29 -25.23 24.81
CA THR B 97 -14.61 -26.39 25.70
C THR B 97 -13.54 -27.47 25.50
N HIS B 98 -13.09 -27.69 24.26
CA HIS B 98 -12.18 -28.81 23.91
C HIS B 98 -10.73 -28.41 24.18
N GLY B 99 -10.47 -27.15 24.50
CA GLY B 99 -9.10 -26.73 24.87
C GLY B 99 -8.88 -25.23 24.80
N SER B 100 -7.70 -24.80 25.24
CA SER B 100 -7.31 -23.39 25.52
C SER B 100 -6.07 -23.03 24.70
N PHE B 101 -6.08 -21.87 24.05
CA PHE B 101 -5.02 -21.44 23.09
C PHE B 101 -4.58 -20.03 23.45
N ARG B 102 -3.33 -19.85 23.87
CA ARG B 102 -2.83 -18.52 24.35
C ARG B 102 -1.55 -18.11 23.63
N GLY B 103 -1.39 -16.81 23.45
CA GLY B 103 -0.30 -16.22 22.66
C GLY B 103 -0.72 -14.87 22.11
N SER B 104 0.21 -14.21 21.40
CA SER B 104 -0.04 -12.98 20.61
C SER B 104 -0.89 -13.39 19.40
N ALA B 105 -2.01 -12.71 19.17
CA ALA B 105 -2.91 -12.86 17.99
C ALA B 105 -2.17 -12.55 16.68
N MET B 106 -1.18 -11.66 16.74
CA MET B 106 -0.41 -11.23 15.54
C MET B 106 0.59 -12.31 15.10
N ASP B 107 0.87 -13.33 15.93
CA ASP B 107 1.61 -14.53 15.48
C ASP B 107 0.99 -15.05 14.18
N ALA B 108 -0.33 -14.99 14.03
CA ALA B 108 -1.02 -15.48 12.81
C ALA B 108 -0.54 -14.74 11.55
N TYR B 109 -0.42 -13.41 11.59
CA TYR B 109 0.14 -12.59 10.47
C TYR B 109 1.53 -13.10 10.11
N TYR B 110 2.44 -13.19 11.10
CA TYR B 110 3.88 -13.52 10.88
C TYR B 110 4.00 -14.95 10.37
N TYR B 111 3.17 -15.84 10.91
CA TYR B 111 3.21 -17.28 10.55
C TYR B 111 2.70 -17.44 9.12
N VAL B 112 1.57 -16.83 8.81
CA VAL B 112 0.97 -16.92 7.43
C VAL B 112 1.91 -16.24 6.42
N LEU B 113 2.50 -15.10 6.78
CA LEU B 113 3.43 -14.37 5.89
C LEU B 113 4.61 -15.29 5.54
N HIS B 114 5.20 -15.91 6.55
CA HIS B 114 6.34 -16.86 6.40
C HIS B 114 5.93 -18.01 5.47
N ALA B 115 4.74 -18.58 5.67
CA ALA B 115 4.25 -19.77 4.94
C ALA B 115 4.03 -19.40 3.47
N LEU B 116 3.32 -18.29 3.24
CA LEU B 116 3.01 -17.79 1.87
C LEU B 116 4.30 -17.46 1.13
N SER B 117 5.35 -17.03 1.83
CA SER B 117 6.62 -16.58 1.20
C SER B 117 7.33 -17.78 0.58
N GLU B 118 6.99 -18.99 1.03
CA GLU B 118 7.61 -20.27 0.57
C GLU B 118 6.72 -20.95 -0.45
N ILE B 119 5.53 -20.40 -0.75
CA ILE B 119 4.53 -21.00 -1.69
C ILE B 119 4.38 -20.12 -2.94
N ILE B 120 4.24 -18.80 -2.77
CA ILE B 120 3.94 -17.88 -3.90
C ILE B 120 5.13 -17.97 -4.84
N PRO B 121 4.92 -18.31 -6.14
CA PRO B 121 6.03 -18.37 -7.09
C PRO B 121 6.75 -17.01 -7.22
N THR B 122 8.07 -17.05 -7.31
CA THR B 122 9.00 -15.90 -7.31
C THR B 122 9.49 -15.63 -8.74
N LYS B 123 8.81 -16.25 -9.71
CA LYS B 123 9.11 -16.19 -11.17
C LYS B 123 7.75 -16.15 -11.89
N GLY B 124 7.58 -15.21 -12.83
CA GLY B 124 6.42 -15.15 -13.73
C GLY B 124 5.27 -14.37 -13.14
N ASP B 125 4.27 -14.13 -14.00
CA ASP B 125 3.03 -13.43 -13.66
C ASP B 125 2.21 -14.27 -12.67
N LEU B 126 1.40 -13.59 -11.86
CA LEU B 126 0.55 -14.20 -10.81
C LEU B 126 -0.87 -13.69 -10.98
N GLU B 127 -1.82 -14.61 -11.00
CA GLU B 127 -3.26 -14.28 -10.93
C GLU B 127 -3.74 -14.88 -9.61
N VAL B 128 -4.10 -14.01 -8.67
CA VAL B 128 -4.40 -14.46 -7.27
C VAL B 128 -5.89 -14.25 -6.96
N HIS B 129 -6.52 -15.31 -6.43
CA HIS B 129 -7.94 -15.42 -6.06
C HIS B 129 -8.03 -15.72 -4.55
N PHE B 130 -8.78 -14.90 -3.81
CA PHE B 130 -8.88 -14.98 -2.34
C PHE B 130 -10.35 -15.09 -1.89
N ASP B 131 -10.74 -16.19 -1.23
CA ASP B 131 -12.11 -16.39 -0.70
C ASP B 131 -12.14 -16.17 0.82
N SER B 132 -12.92 -15.21 1.28
CA SER B 132 -13.01 -14.86 2.71
C SER B 132 -14.29 -15.47 3.31
N THR B 133 -15.11 -16.15 2.49
CA THR B 133 -16.49 -16.65 2.82
C THR B 133 -16.56 -17.30 4.21
N HIS B 134 -15.72 -18.30 4.48
CA HIS B 134 -15.77 -19.18 5.69
C HIS B 134 -14.85 -18.65 6.80
N GLY B 135 -14.13 -17.56 6.60
CA GLY B 135 -13.02 -17.16 7.48
C GLY B 135 -13.49 -16.56 8.79
N LEU B 136 -12.69 -16.70 9.85
CA LEU B 136 -12.74 -15.87 11.09
C LEU B 136 -12.35 -14.43 10.75
N ASN B 137 -13.01 -13.44 11.35
CA ASN B 137 -12.68 -12.01 11.11
C ASN B 137 -11.17 -11.80 11.19
N TYR B 138 -10.53 -12.25 12.29
CA TYR B 138 -9.15 -11.86 12.66
C TYR B 138 -8.16 -12.61 11.74
N VAL B 139 -8.34 -13.91 11.48
CA VAL B 139 -7.42 -14.69 10.60
C VAL B 139 -7.54 -14.18 9.16
N THR B 140 -8.76 -13.91 8.71
CA THR B 140 -9.06 -13.42 7.34
C THR B 140 -8.32 -12.10 7.10
N LEU B 141 -8.47 -11.13 8.02
CA LEU B 141 -7.86 -9.78 7.90
C LEU B 141 -6.32 -9.90 7.89
N LEU B 142 -5.75 -10.75 8.75
CA LEU B 142 -4.27 -10.87 8.84
C LEU B 142 -3.76 -11.60 7.59
N THR B 143 -4.52 -12.56 7.05
CA THR B 143 -4.13 -13.34 5.85
C THR B 143 -4.20 -12.40 4.65
N TYR B 144 -5.28 -11.64 4.53
CA TYR B 144 -5.44 -10.62 3.45
C TYR B 144 -4.19 -9.75 3.48
N ARG B 145 -3.84 -9.26 4.66
CA ARG B 145 -2.77 -8.25 4.81
C ARG B 145 -1.43 -8.89 4.40
N ALA B 146 -1.11 -10.10 4.85
CA ALA B 146 0.17 -10.79 4.54
C ALA B 146 0.29 -11.05 3.02
N LEU B 147 -0.82 -11.40 2.38
CA LEU B 147 -0.88 -11.72 0.93
C LEU B 147 -0.58 -10.46 0.11
N LYS B 148 -1.31 -9.39 0.43
CA LYS B 148 -1.12 -8.07 -0.22
C LYS B 148 0.33 -7.61 -0.05
N ASP B 149 0.91 -7.76 1.13
CA ASP B 149 2.31 -7.32 1.39
C ASP B 149 3.28 -8.09 0.48
N LEU B 150 3.18 -9.41 0.35
CA LEU B 150 4.10 -10.17 -0.53
C LEU B 150 3.78 -9.86 -1.99
N LEU B 151 2.50 -9.77 -2.39
CA LEU B 151 2.13 -9.53 -3.83
C LEU B 151 2.67 -8.18 -4.30
N GLY B 152 2.56 -7.12 -3.48
CA GLY B 152 3.15 -5.79 -3.74
C GLY B 152 4.63 -5.89 -4.11
N ILE B 153 5.34 -6.85 -3.51
CA ILE B 153 6.80 -7.06 -3.74
C ILE B 153 6.99 -7.83 -5.05
N ALA B 154 6.20 -8.88 -5.31
CA ALA B 154 6.24 -9.65 -6.58
C ALA B 154 5.93 -8.73 -7.78
N ALA B 155 5.14 -7.67 -7.57
CA ALA B 155 4.68 -6.72 -8.62
C ALA B 155 5.81 -5.79 -9.09
N VAL B 156 6.95 -5.77 -8.41
CA VAL B 156 8.16 -5.02 -8.85
C VAL B 156 8.75 -5.66 -10.11
N MET B 157 8.65 -6.99 -10.25
CA MET B 157 9.23 -7.76 -11.37
C MET B 157 8.14 -8.26 -12.33
N ASN B 158 6.92 -8.56 -11.86
CA ASN B 158 5.94 -9.34 -12.66
C ASN B 158 4.58 -8.68 -12.60
N THR B 159 3.72 -8.95 -13.57
CA THR B 159 2.29 -8.52 -13.53
C THR B 159 1.55 -9.37 -12.49
N VAL B 160 0.88 -8.71 -11.55
CA VAL B 160 0.15 -9.39 -10.45
C VAL B 160 -1.27 -8.82 -10.41
N THR B 161 -2.25 -9.69 -10.60
CA THR B 161 -3.70 -9.39 -10.52
C THR B 161 -4.28 -10.15 -9.34
N PHE B 162 -5.31 -9.58 -8.73
CA PHE B 162 -5.90 -10.04 -7.45
C PHE B 162 -7.41 -9.88 -7.48
N TYR B 163 -8.12 -10.97 -7.18
CA TYR B 163 -9.61 -11.06 -7.15
C TYR B 163 -10.01 -11.53 -5.76
N ALA B 164 -10.92 -10.81 -5.10
CA ALA B 164 -11.47 -11.25 -3.78
C ALA B 164 -12.94 -11.66 -3.94
N TYR B 165 -13.35 -12.70 -3.23
CA TYR B 165 -14.72 -13.28 -3.22
C TYR B 165 -15.24 -13.40 -1.79
N ASN B 166 -16.55 -13.23 -1.64
CA ASN B 166 -17.25 -13.49 -0.35
C ASN B 166 -18.71 -13.82 -0.66
N SER B 167 -19.20 -14.96 -0.19
CA SER B 167 -20.63 -15.36 -0.32
C SER B 167 -21.48 -14.39 0.49
N ASP B 168 -22.76 -14.27 0.10
CA ASP B 168 -23.83 -13.63 0.91
C ASP B 168 -23.81 -14.25 2.29
N PRO B 169 -24.23 -13.52 3.35
CA PRO B 169 -24.28 -14.09 4.70
C PRO B 169 -25.19 -15.33 4.75
N PHE B 170 -24.73 -16.44 5.34
CA PHE B 170 -25.56 -17.65 5.57
C PHE B 170 -26.49 -17.42 6.77
N VAL B 171 -27.76 -17.80 6.65
CA VAL B 171 -28.66 -17.72 7.83
C VAL B 171 -29.48 -19.01 7.88
N PRO B 172 -29.30 -19.84 8.92
CA PRO B 172 -29.96 -21.13 8.98
C PRO B 172 -31.48 -21.07 8.94
N LYS B 173 -32.10 -21.94 8.14
CA LYS B 173 -33.57 -22.05 8.05
C LYS B 173 -34.15 -21.04 7.07
N ILE B 174 -33.35 -20.19 6.43
CA ILE B 174 -34.03 -19.27 5.49
C ILE B 174 -33.27 -19.25 4.17
N THR B 175 -32.00 -19.63 4.21
CA THR B 175 -31.19 -19.54 2.98
C THR B 175 -31.48 -20.71 2.06
N LYS B 176 -31.92 -20.39 0.85
CA LYS B 176 -32.02 -21.35 -0.27
C LYS B 176 -30.64 -21.47 -0.93
N GLU B 177 -30.08 -20.35 -1.42
CA GLU B 177 -28.75 -20.33 -2.09
C GLU B 177 -28.00 -19.00 -1.86
N LEU B 178 -26.67 -19.09 -1.90
CA LEU B 178 -25.72 -17.99 -1.65
C LEU B 178 -24.99 -17.70 -2.95
N ASN B 179 -25.00 -16.43 -3.35
CA ASN B 179 -24.18 -15.93 -4.47
C ASN B 179 -22.76 -15.78 -3.92
N ILE B 180 -21.74 -16.16 -4.69
CA ILE B 180 -20.33 -15.82 -4.35
C ILE B 180 -20.00 -14.48 -5.06
N ASN B 181 -20.06 -13.36 -4.33
CA ASN B 181 -19.84 -11.99 -4.84
C ASN B 181 -18.34 -11.72 -5.08
N THR B 182 -18.05 -10.84 -6.04
CA THR B 182 -16.73 -10.20 -6.24
C THR B 182 -16.66 -9.00 -5.29
N ILE B 183 -15.66 -8.94 -4.42
CA ILE B 183 -15.51 -7.75 -3.52
C ILE B 183 -14.23 -6.99 -3.87
N GLU B 184 -13.39 -7.53 -4.76
CA GLU B 184 -12.18 -6.78 -5.21
C GLU B 184 -11.64 -7.33 -6.54
N THR B 185 -11.15 -6.40 -7.34
CA THR B 185 -10.49 -6.65 -8.65
C THR B 185 -9.41 -5.59 -8.81
N THR B 186 -8.13 -5.94 -8.65
CA THR B 186 -7.02 -4.96 -8.72
C THR B 186 -5.84 -5.50 -9.53
N MET B 187 -5.20 -4.61 -10.28
CA MET B 187 -3.79 -4.76 -10.72
C MET B 187 -2.93 -4.29 -9.54
N VAL B 188 -2.15 -5.18 -8.92
CA VAL B 188 -1.33 -4.85 -7.73
C VAL B 188 -0.22 -3.90 -8.15
N LYS B 189 -0.08 -2.77 -7.47
CA LYS B 189 1.02 -1.79 -7.70
C LYS B 189 2.32 -2.34 -7.14
N PRO B 190 3.49 -2.11 -7.81
CA PRO B 190 4.78 -2.48 -7.25
C PRO B 190 5.07 -1.64 -6.00
N THR B 191 5.35 -2.29 -4.89
CA THR B 191 5.68 -1.62 -3.60
C THR B 191 6.85 -2.40 -3.02
N PRO B 192 8.09 -1.94 -3.28
CA PRO B 192 9.27 -2.60 -2.75
C PRO B 192 9.32 -2.39 -1.23
N LEU B 193 9.97 -3.29 -0.52
CA LEU B 193 10.15 -3.15 0.95
C LEU B 193 10.59 -1.70 1.25
N SER B 194 9.97 -1.03 2.20
CA SER B 194 10.25 0.41 2.47
C SER B 194 10.48 0.64 3.97
N GLU B 195 10.89 -0.37 4.72
CA GLU B 195 11.17 -0.21 6.18
C GLU B 195 12.61 -0.63 6.45
N PRO B 196 13.25 0.01 7.45
CA PRO B 196 14.53 -0.47 7.96
C PRO B 196 14.34 -1.72 8.83
N LEU B 197 15.39 -2.51 9.04
CA LEU B 197 15.37 -3.55 10.10
C LEU B 197 15.24 -2.84 11.45
N PRO B 198 14.38 -3.30 12.40
CA PRO B 198 14.23 -2.61 13.68
C PRO B 198 15.32 -3.00 14.69
N GLY B 199 15.20 -2.51 15.93
CA GLY B 199 16.09 -2.84 17.07
C GLY B 199 15.98 -4.31 17.45
N PHE B 200 16.94 -4.83 18.21
CA PHE B 200 17.09 -6.29 18.49
C PHE B 200 16.09 -6.72 19.56
N ASP B 201 15.29 -5.76 20.07
CA ASP B 201 14.13 -6.00 20.96
C ASP B 201 12.90 -6.43 20.12
N GLU B 202 12.99 -6.51 18.79
CA GLU B 202 11.78 -6.57 17.92
C GLU B 202 11.81 -7.78 16.96
N TYR B 203 12.49 -8.89 17.28
CA TYR B 203 12.51 -10.10 16.41
C TYR B 203 11.68 -11.21 17.05
N LEU B 204 11.93 -11.47 18.33
CA LEU B 204 11.18 -12.43 19.19
C LEU B 204 10.96 -11.73 20.52
N CYS B 205 9.73 -11.73 21.04
CA CYS B 205 9.32 -10.99 22.26
C CYS B 205 8.76 -12.02 23.24
N PRO B 206 8.97 -11.87 24.57
CA PRO B 206 8.31 -12.74 25.53
C PRO B 206 6.80 -12.48 25.48
N TYR B 207 5.99 -13.54 25.35
CA TYR B 207 4.53 -13.47 25.59
C TYR B 207 4.32 -13.85 27.06
N SER B 208 4.76 -15.05 27.44
CA SER B 208 4.79 -15.56 28.84
C SER B 208 6.04 -16.43 29.02
N MET B 209 7.19 -15.78 29.09
CA MET B 209 8.49 -16.42 29.41
C MET B 209 9.19 -15.48 30.36
N GLU B 210 9.77 -15.98 31.46
CA GLU B 210 10.46 -15.14 32.47
C GLU B 210 11.80 -14.66 31.91
N ARG B 211 12.34 -13.62 32.56
CA ARG B 211 13.54 -12.85 32.13
C ARG B 211 14.77 -13.75 32.01
N ALA B 212 15.01 -14.64 32.99
CA ALA B 212 16.23 -15.48 32.98
C ALA B 212 16.24 -16.30 31.68
N GLU B 213 15.15 -17.01 31.41
CA GLU B 213 15.03 -17.87 30.20
C GLU B 213 15.15 -17.01 28.93
N PHE B 214 14.51 -15.84 28.89
CA PHE B 214 14.46 -14.99 27.67
C PHE B 214 15.83 -14.39 27.36
N VAL B 215 16.45 -13.76 28.37
CA VAL B 215 17.80 -13.14 28.26
C VAL B 215 18.78 -14.23 27.79
N ARG B 216 18.76 -15.43 28.38
CA ARG B 216 19.73 -16.49 28.01
C ARG B 216 19.45 -16.90 26.56
N LEU B 217 18.19 -17.15 26.21
CA LEU B 217 17.75 -17.57 24.86
C LEU B 217 18.18 -16.51 23.83
N LYS B 218 17.90 -15.23 24.08
CA LYS B 218 18.22 -14.12 23.16
C LYS B 218 19.73 -14.04 22.90
N GLY B 219 20.53 -14.23 23.95
CA GLY B 219 22.01 -14.29 23.86
C GLY B 219 22.54 -15.54 23.15
N SER B 220 21.75 -16.60 23.02
CA SER B 220 22.15 -17.89 22.40
C SER B 220 22.07 -17.82 20.86
N LEU B 221 21.39 -16.81 20.30
CA LEU B 221 21.00 -16.78 18.85
C LEU B 221 22.12 -16.18 17.99
N ASN B 222 22.80 -17.02 17.19
CA ASN B 222 23.72 -16.55 16.11
C ASN B 222 23.06 -15.44 15.28
N THR B 223 21.78 -15.61 14.92
CA THR B 223 21.04 -14.69 14.03
C THR B 223 21.15 -13.24 14.50
N LEU B 224 20.85 -12.91 15.76
CA LEU B 224 20.85 -11.49 16.23
C LEU B 224 22.29 -10.95 16.23
N LYS B 225 23.31 -11.81 16.44
CA LYS B 225 24.76 -11.45 16.38
C LYS B 225 25.11 -11.08 14.94
N ASN B 226 24.83 -11.97 13.98
CA ASN B 226 25.20 -11.77 12.56
C ASN B 226 24.42 -10.60 11.96
N LEU B 227 23.17 -10.37 12.40
CA LEU B 227 22.33 -9.23 11.90
C LEU B 227 22.90 -7.89 12.36
N ARG B 228 23.31 -7.77 13.63
CA ARG B 228 23.98 -6.55 14.16
C ARG B 228 25.01 -6.10 13.12
N LYS B 229 25.72 -7.08 12.55
CA LYS B 229 26.94 -6.93 11.71
C LYS B 229 26.55 -6.53 10.28
N GLU B 230 25.45 -7.07 9.74
CA GLU B 230 25.00 -6.88 8.33
C GLU B 230 23.88 -5.83 8.19
N LYS B 231 23.30 -5.39 9.30
CA LYS B 231 22.08 -4.53 9.37
C LYS B 231 22.18 -3.38 8.36
N LYS B 232 23.30 -2.65 8.38
CA LYS B 232 23.53 -1.42 7.57
C LYS B 232 23.63 -1.78 6.08
N LYS B 233 24.24 -2.93 5.75
CA LYS B 233 24.38 -3.47 4.38
C LYS B 233 23.00 -3.87 3.82
N LEU B 234 22.15 -4.49 4.64
CA LEU B 234 20.79 -4.91 4.22
C LEU B 234 19.92 -3.66 4.04
N GLU B 235 20.06 -2.64 4.89
CA GLU B 235 19.28 -1.38 4.73
C GLU B 235 19.75 -0.63 3.47
N ALA B 236 21.05 -0.61 3.21
CA ALA B 236 21.63 -0.10 1.94
C ALA B 236 20.90 -0.73 0.76
N TRP B 237 20.71 -2.06 0.76
CA TRP B 237 20.10 -2.79 -0.38
C TRP B 237 18.62 -2.44 -0.50
N ILE B 238 17.91 -2.38 0.63
CA ILE B 238 16.47 -1.99 0.66
C ILE B 238 16.36 -0.59 0.04
N GLY B 239 17.18 0.36 0.46
CA GLY B 239 17.16 1.73 -0.07
C GLY B 239 17.44 1.79 -1.57
N SER B 240 18.23 0.84 -2.09
CA SER B 240 18.61 0.82 -3.53
C SER B 240 17.36 0.61 -4.42
N LEU B 241 16.41 -0.23 -4.02
CA LEU B 241 15.15 -0.39 -4.82
C LEU B 241 14.22 0.81 -4.60
N LEU B 242 14.19 1.32 -3.38
CA LEU B 242 13.26 2.39 -2.97
C LEU B 242 13.71 3.69 -3.63
N PHE B 243 15.00 3.98 -3.69
CA PHE B 243 15.49 5.33 -4.11
C PHE B 243 16.04 5.34 -5.54
N GLY B 244 16.25 4.20 -6.20
CA GLY B 244 16.72 4.13 -7.60
C GLY B 244 18.23 4.15 -7.71
N LEU B 245 18.93 3.23 -7.05
CA LEU B 245 20.42 3.17 -7.00
C LEU B 245 20.87 1.83 -7.59
N PRO B 246 20.90 1.69 -8.93
CA PRO B 246 21.08 0.38 -9.54
C PRO B 246 22.43 -0.29 -9.21
N LEU B 247 23.50 0.49 -9.02
CA LEU B 247 24.83 -0.12 -8.74
C LEU B 247 24.84 -0.64 -7.30
N LEU B 248 24.18 0.07 -6.38
CA LEU B 248 24.09 -0.36 -4.97
C LEU B 248 23.23 -1.61 -4.87
N PHE B 249 22.14 -1.71 -5.65
CA PHE B 249 21.33 -2.95 -5.77
C PHE B 249 22.24 -4.18 -6.07
N LEU B 250 23.15 -4.08 -7.04
CA LEU B 250 24.00 -5.24 -7.47
C LEU B 250 25.07 -5.51 -6.40
N GLU B 251 25.67 -4.47 -5.85
CA GLU B 251 26.89 -4.61 -4.98
C GLU B 251 26.48 -5.10 -3.59
N GLU B 252 25.34 -4.65 -3.07
CA GLU B 252 24.79 -5.05 -1.74
C GLU B 252 23.80 -6.22 -1.85
N PHE B 253 23.67 -6.87 -3.01
CA PHE B 253 22.66 -7.95 -3.18
C PHE B 253 22.87 -8.98 -2.08
N PRO B 254 21.83 -9.24 -1.25
CA PRO B 254 22.00 -10.07 -0.07
C PRO B 254 22.28 -11.56 -0.40
N ASP B 255 22.92 -12.23 0.56
CA ASP B 255 23.25 -13.68 0.55
C ASP B 255 21.97 -14.43 0.96
N ILE B 256 21.32 -15.10 0.01
CA ILE B 256 19.99 -15.74 0.21
C ILE B 256 20.12 -16.91 1.20
N GLY B 257 21.20 -17.70 1.14
CA GLY B 257 21.43 -18.83 2.07
C GLY B 257 21.45 -18.35 3.50
N ARG B 258 22.16 -17.26 3.74
CA ARG B 258 22.30 -16.57 5.05
C ARG B 258 20.90 -16.09 5.55
N LEU B 259 20.13 -15.41 4.70
CA LEU B 259 18.79 -14.86 5.09
C LEU B 259 17.85 -16.02 5.43
N GLU B 260 17.97 -17.14 4.71
CA GLU B 260 17.18 -18.37 4.98
C GLU B 260 17.44 -18.83 6.40
N SER B 261 18.70 -18.95 6.78
CA SER B 261 19.11 -19.51 8.10
C SER B 261 18.69 -18.56 9.23
N TYR B 262 18.71 -17.22 9.06
CA TYR B 262 18.17 -16.28 10.07
C TYR B 262 16.68 -16.54 10.31
N ILE B 263 15.89 -16.65 9.24
CA ILE B 263 14.42 -16.85 9.33
C ILE B 263 14.13 -18.24 9.91
N GLU B 264 14.84 -19.28 9.44
CA GLU B 264 14.75 -20.64 10.01
C GLU B 264 15.01 -20.59 11.52
N GLU B 265 16.12 -19.99 11.96
CA GLU B 265 16.49 -20.01 13.40
C GLU B 265 15.38 -19.28 14.19
N LEU B 266 14.87 -18.15 13.73
CA LEU B 266 13.84 -17.42 14.51
C LEU B 266 12.55 -18.25 14.54
N ALA B 267 12.12 -18.82 13.41
CA ALA B 267 10.86 -19.60 13.33
C ALA B 267 10.94 -20.83 14.24
N GLU B 268 12.08 -21.52 14.28
CA GLU B 268 12.14 -22.78 15.04
C GLU B 268 12.40 -22.48 16.53
N THR B 269 12.94 -21.30 16.89
CA THR B 269 12.98 -20.82 18.29
C THR B 269 11.55 -20.47 18.74
N TRP B 270 10.76 -19.78 17.92
CA TRP B 270 9.34 -19.50 18.23
C TRP B 270 8.62 -20.84 18.47
N GLY B 271 8.81 -21.79 17.55
CA GLY B 271 8.27 -23.17 17.62
C GLY B 271 8.62 -23.89 18.92
N GLY B 272 9.90 -23.94 19.29
CA GLY B 272 10.41 -24.63 20.49
C GLY B 272 9.89 -24.05 21.79
N ALA B 273 9.43 -22.79 21.78
CA ALA B 273 8.93 -22.07 22.97
C ALA B 273 7.40 -22.26 23.14
N ILE B 274 6.76 -23.01 22.26
CA ILE B 274 5.31 -23.37 22.42
C ILE B 274 5.20 -24.52 23.44
N ALA B 275 4.46 -24.30 24.51
CA ALA B 275 4.19 -25.28 25.58
C ALA B 275 2.79 -25.85 25.39
N VAL B 276 2.71 -27.17 25.32
CA VAL B 276 1.45 -27.95 25.22
C VAL B 276 1.26 -28.78 26.50
N ASN B 277 0.25 -28.45 27.31
CA ASN B 277 -0.13 -29.18 28.53
C ASN B 277 -1.27 -30.15 28.20
N ALA B 278 -0.96 -31.44 28.05
CA ALA B 278 -1.91 -32.52 27.68
C ALA B 278 -3.07 -32.57 28.70
N GLU B 279 -2.79 -32.27 29.97
CA GLU B 279 -3.74 -32.44 31.11
C GLU B 279 -4.82 -31.35 31.04
N GLU B 280 -4.42 -30.08 31.02
CA GLU B 280 -5.33 -28.89 31.03
C GLU B 280 -5.88 -28.60 29.63
N LYS B 281 -5.35 -29.24 28.58
CA LYS B 281 -5.67 -28.96 27.16
C LYS B 281 -5.45 -27.45 26.91
N ALA B 282 -4.23 -26.98 27.19
CA ALA B 282 -3.75 -25.60 27.02
C ALA B 282 -2.54 -25.58 26.06
N VAL B 283 -2.55 -24.66 25.10
CA VAL B 283 -1.34 -24.30 24.29
C VAL B 283 -0.99 -22.87 24.70
N THR B 284 0.26 -22.66 25.10
CA THR B 284 0.83 -21.31 25.37
C THR B 284 1.99 -21.11 24.40
N ARG B 285 1.95 -20.01 23.64
CA ARG B 285 3.03 -19.64 22.70
C ARG B 285 3.89 -18.61 23.45
N ARG B 286 4.90 -19.09 24.19
CA ARG B 286 5.61 -18.31 25.23
C ARG B 286 6.45 -17.20 24.59
N LEU B 287 6.80 -17.37 23.31
CA LEU B 287 7.45 -16.32 22.47
C LEU B 287 6.44 -15.82 21.44
N ALA B 288 6.41 -14.49 21.23
CA ALA B 288 5.69 -13.79 20.13
C ALA B 288 6.70 -13.34 19.07
N PHE B 289 6.34 -13.44 17.79
CA PHE B 289 7.08 -12.80 16.68
C PHE B 289 6.92 -11.28 16.78
N GLY B 290 8.00 -10.55 16.47
CA GLY B 290 7.99 -9.09 16.30
C GLY B 290 8.19 -8.69 14.84
N SER B 291 8.08 -7.39 14.56
CA SER B 291 8.01 -6.80 13.21
C SER B 291 9.27 -7.19 12.46
N GLY B 292 10.39 -7.36 13.17
CA GLY B 292 11.68 -7.71 12.57
C GLY B 292 11.65 -9.04 11.85
N PHE B 293 10.86 -10.01 12.35
CA PHE B 293 10.68 -11.33 11.67
C PHE B 293 10.00 -11.08 10.32
N GLY B 294 8.96 -10.25 10.32
CA GLY B 294 8.18 -9.88 9.11
C GLY B 294 9.07 -9.20 8.08
N THR B 295 9.88 -8.23 8.51
CA THR B 295 10.85 -7.51 7.66
C THR B 295 11.83 -8.52 7.04
N LEU B 296 12.30 -9.51 7.80
CA LEU B 296 13.29 -10.48 7.28
C LEU B 296 12.62 -11.35 6.21
N VAL B 297 11.37 -11.74 6.47
CA VAL B 297 10.62 -12.61 5.53
C VAL B 297 10.44 -11.85 4.21
N LYS B 298 10.05 -10.57 4.30
CA LYS B 298 9.76 -9.73 3.10
C LYS B 298 11.07 -9.49 2.33
N LEU B 299 12.15 -9.25 3.07
CA LEU B 299 13.52 -9.01 2.56
C LEU B 299 13.99 -10.24 1.75
N LEU B 300 13.81 -11.44 2.30
CA LEU B 300 14.18 -12.68 1.57
C LEU B 300 13.31 -12.77 0.31
N PHE B 301 12.02 -12.53 0.45
CA PHE B 301 11.09 -12.70 -0.68
C PHE B 301 11.51 -11.72 -1.77
N GLN B 302 11.81 -10.46 -1.42
CA GLN B 302 12.22 -9.42 -2.40
C GLN B 302 13.49 -9.87 -3.13
N ALA B 303 14.44 -10.50 -2.42
CA ALA B 303 15.70 -11.03 -2.99
C ALA B 303 15.38 -12.17 -3.96
N ARG B 304 14.38 -12.99 -3.65
CA ARG B 304 14.05 -14.13 -4.54
C ARG B 304 13.43 -13.58 -5.82
N ILE B 305 12.60 -12.54 -5.68
CA ILE B 305 11.86 -11.88 -6.80
C ILE B 305 12.86 -11.24 -7.78
N THR B 306 13.98 -10.70 -7.30
CA THR B 306 14.93 -9.88 -8.09
C THR B 306 16.22 -10.67 -8.40
N ARG B 307 16.38 -11.91 -7.92
CA ARG B 307 17.67 -12.63 -8.04
C ARG B 307 18.00 -12.87 -9.52
N GLY B 308 17.02 -12.90 -10.42
CA GLY B 308 17.22 -13.04 -11.88
C GLY B 308 18.13 -11.95 -12.44
N LEU B 309 18.13 -10.76 -11.84
CA LEU B 309 18.89 -9.58 -12.32
C LEU B 309 20.33 -9.60 -11.81
N LEU B 310 20.63 -10.28 -10.70
CA LEU B 310 22.01 -10.35 -10.16
C LEU B 310 22.96 -10.95 -11.20
N VAL B 311 24.01 -10.22 -11.57
CA VAL B 311 25.05 -10.74 -12.50
C VAL B 311 26.38 -10.84 -11.75
N GLU B 312 27.24 -11.69 -12.30
CA GLU B 312 28.71 -11.70 -12.18
C GLU B 312 29.23 -10.28 -12.47
N GLU B 313 30.06 -9.73 -11.58
CA GLU B 313 30.81 -8.47 -11.84
C GLU B 313 31.83 -8.77 -12.95
N PRO B 314 32.36 -7.74 -13.67
CA PRO B 314 32.11 -6.32 -13.38
C PRO B 314 30.77 -5.84 -13.96
N TYR B 315 30.30 -4.68 -13.53
CA TYR B 315 28.94 -4.15 -13.83
C TYR B 315 29.06 -3.02 -14.85
N SER B 316 28.45 -3.15 -16.03
CA SER B 316 28.58 -2.17 -17.13
C SER B 316 27.41 -1.15 -17.09
N ILE B 317 27.58 -0.02 -17.77
CA ILE B 317 26.50 0.97 -18.01
C ILE B 317 25.32 0.20 -18.63
N GLU B 318 25.59 -0.69 -19.59
CA GLU B 318 24.49 -1.43 -20.30
C GLU B 318 23.68 -2.28 -19.30
N LYS B 319 24.34 -2.96 -18.35
CA LYS B 319 23.69 -3.79 -17.31
C LYS B 319 22.87 -2.89 -16.39
N LEU B 320 23.47 -1.77 -15.98
CA LEU B 320 22.78 -0.83 -15.07
C LEU B 320 21.53 -0.29 -15.77
N TYR B 321 21.56 -0.01 -17.07
CA TYR B 321 20.32 0.35 -17.83
C TYR B 321 19.31 -0.82 -17.77
N SER B 322 19.80 -2.02 -18.06
CA SER B 322 18.98 -3.25 -18.16
C SER B 322 18.27 -3.51 -16.82
N VAL B 323 19.01 -3.57 -15.72
CA VAL B 323 18.47 -3.71 -14.34
C VAL B 323 17.46 -2.60 -14.05
N SER B 324 17.76 -1.33 -14.38
CA SER B 324 16.98 -0.11 -14.04
C SER B 324 15.60 -0.15 -14.73
N ASP B 325 15.58 -0.63 -15.97
CA ASP B 325 14.33 -0.82 -16.76
C ASP B 325 13.36 -1.79 -16.07
N ARG B 326 13.86 -2.78 -15.32
CA ARG B 326 13.03 -3.79 -14.61
C ARG B 326 12.63 -3.28 -13.22
N LEU B 327 13.49 -2.56 -12.51
CA LEU B 327 13.24 -2.22 -11.09
C LEU B 327 12.42 -0.92 -10.95
N PHE B 328 12.60 0.04 -11.86
CA PHE B 328 12.23 1.46 -11.58
C PHE B 328 11.19 1.96 -12.58
N ARG B 329 10.38 2.93 -12.17
CA ARG B 329 9.32 3.56 -13.03
C ARG B 329 9.29 5.06 -12.78
N GLY B 330 8.49 5.77 -13.56
CA GLY B 330 8.24 7.22 -13.40
C GLY B 330 9.53 8.01 -13.39
N SER B 331 9.60 9.02 -12.52
CA SER B 331 10.71 10.00 -12.50
C SER B 331 11.96 9.31 -11.95
N THR B 332 11.78 8.27 -11.14
CA THR B 332 12.91 7.48 -10.58
C THR B 332 13.69 6.91 -11.76
N LEU B 333 13.01 6.25 -12.70
CA LEU B 333 13.69 5.61 -13.85
C LEU B 333 14.40 6.67 -14.71
N GLN B 334 13.74 7.79 -14.97
CA GLN B 334 14.31 8.87 -15.82
C GLN B 334 15.54 9.48 -15.13
N ARG B 335 15.47 9.77 -13.82
CA ARG B 335 16.64 10.13 -12.98
C ARG B 335 17.83 9.22 -13.28
N VAL B 336 17.63 7.90 -13.25
CA VAL B 336 18.72 6.90 -13.38
C VAL B 336 19.29 7.03 -14.80
N ARG B 337 18.41 7.10 -15.80
CA ARG B 337 18.81 7.19 -17.23
C ARG B 337 19.60 8.49 -17.47
N VAL B 338 19.24 9.61 -16.80
CA VAL B 338 19.99 10.89 -16.92
C VAL B 338 21.38 10.72 -16.30
N ALA B 339 21.48 10.14 -15.10
CA ALA B 339 22.75 9.91 -14.40
C ALA B 339 23.64 8.97 -15.24
N LEU B 340 23.13 7.82 -15.69
CA LEU B 340 23.92 6.87 -16.51
C LEU B 340 24.31 7.50 -17.86
N GLY B 341 23.40 8.27 -18.48
CA GLY B 341 23.60 8.91 -19.81
C GLY B 341 24.79 9.86 -19.82
N LYS B 342 24.97 10.64 -18.74
CA LYS B 342 26.09 11.61 -18.64
C LYS B 342 27.41 10.81 -18.67
N ILE B 343 27.47 9.69 -17.95
CA ILE B 343 28.71 8.87 -17.89
C ILE B 343 28.91 8.21 -19.25
N GLU B 344 27.85 7.74 -19.89
CA GLU B 344 27.92 7.03 -21.19
C GLU B 344 28.43 7.97 -22.28
N ASP B 345 27.96 9.23 -22.28
CA ASP B 345 28.34 10.28 -23.27
C ASP B 345 29.85 10.53 -23.25
N LYS B 346 30.39 10.73 -22.06
CA LYS B 346 31.85 10.90 -21.87
C LYS B 346 32.58 9.66 -22.41
N ALA B 347 32.09 8.45 -22.10
CA ALA B 347 32.66 7.17 -22.59
C ALA B 347 32.70 7.16 -24.12
N ILE B 348 31.63 7.60 -24.79
CA ILE B 348 31.54 7.61 -26.28
C ILE B 348 32.62 8.57 -26.84
N LYS B 349 32.79 9.74 -26.22
CA LYS B 349 33.81 10.74 -26.62
C LYS B 349 35.21 10.14 -26.44
N TYR B 350 35.52 9.53 -25.28
CA TYR B 350 36.86 8.92 -25.06
C TYR B 350 37.11 7.86 -26.14
N ALA B 351 36.13 7.00 -26.41
CA ALA B 351 36.30 5.81 -27.29
C ALA B 351 36.52 6.29 -28.73
N ARG B 352 35.83 7.37 -29.10
CA ARG B 352 35.93 8.05 -30.42
C ARG B 352 37.38 8.47 -30.69
N LYS B 353 38.12 8.85 -29.64
CA LYS B 353 39.54 9.28 -29.71
C LYS B 353 40.51 8.17 -29.27
N GLY B 354 40.10 6.89 -29.27
CA GLY B 354 40.96 5.77 -28.83
C GLY B 354 41.52 5.93 -27.40
N ALA B 355 40.82 6.62 -26.50
CA ALA B 355 41.12 6.62 -25.03
C ALA B 355 40.22 5.57 -24.34
N PHE B 356 40.83 4.79 -23.44
CA PHE B 356 40.19 3.71 -22.65
C PHE B 356 40.71 3.79 -21.21
N PRO B 357 40.29 4.80 -20.43
CA PRO B 357 40.77 4.96 -19.07
C PRO B 357 40.43 3.77 -18.15
N ARG B 358 41.35 3.34 -17.30
CA ARG B 358 41.14 2.27 -16.28
C ARG B 358 41.37 2.82 -14.87
N ASP B 359 40.59 2.35 -13.90
CA ASP B 359 40.80 2.60 -12.44
C ASP B 359 40.82 4.10 -12.18
N ILE B 360 39.91 4.84 -12.80
CA ILE B 360 39.87 6.33 -12.69
C ILE B 360 38.64 6.73 -11.88
N PRO B 361 38.80 7.55 -10.82
CA PRO B 361 37.65 8.10 -10.12
C PRO B 361 36.67 8.75 -11.11
N LEU B 362 35.37 8.68 -10.81
CA LEU B 362 34.34 9.21 -11.73
C LEU B 362 34.51 10.74 -11.83
N ARG B 363 34.91 11.42 -10.74
CA ARG B 363 35.28 12.85 -10.69
C ARG B 363 36.23 13.20 -11.87
N ASP B 364 37.33 12.46 -12.04
CA ASP B 364 38.35 12.67 -13.11
C ASP B 364 37.77 12.36 -14.51
N PHE B 365 37.04 11.24 -14.65
CA PHE B 365 36.45 10.76 -15.92
C PHE B 365 35.54 11.85 -16.50
N LEU B 366 34.76 12.51 -15.64
CA LEU B 366 33.80 13.56 -16.05
C LEU B 366 34.51 14.91 -16.20
N GLY B 367 35.74 15.05 -15.70
CA GLY B 367 36.52 16.30 -15.80
C GLY B 367 36.05 17.34 -14.82
N PHE B 368 35.66 16.92 -13.63
CA PHE B 368 35.27 17.78 -12.49
C PHE B 368 36.55 18.28 -11.80
N ASP B 369 36.37 19.27 -10.91
CA ASP B 369 37.43 19.91 -10.09
C ASP B 369 37.89 18.90 -9.03
N ALA B 370 39.21 18.78 -8.81
CA ALA B 370 39.79 17.99 -7.68
C ALA B 370 39.40 18.64 -6.33
N ALA B 371 38.73 19.79 -6.37
CA ALA B 371 38.43 20.69 -5.22
C ALA B 371 37.18 20.24 -4.42
N ASN B 372 36.25 19.48 -5.01
CA ASN B 372 34.89 19.25 -4.45
C ASN B 372 34.72 17.79 -3.96
N ARG B 373 35.62 17.29 -3.11
CA ARG B 373 35.76 15.82 -2.77
C ARG B 373 34.87 15.42 -1.59
N GLU B 374 34.18 16.36 -0.94
CA GLU B 374 33.19 16.06 0.13
C GLU B 374 32.01 15.28 -0.48
N VAL B 375 31.53 14.24 0.21
CA VAL B 375 30.43 13.35 -0.24
C VAL B 375 29.16 13.74 0.53
N SER B 376 28.16 14.34 -0.14
CA SER B 376 26.89 14.78 0.49
C SER B 376 25.81 13.72 0.26
N PRO B 377 24.86 13.55 1.21
CA PRO B 377 23.60 12.82 0.96
C PRO B 377 22.91 13.30 -0.32
N ARG B 378 22.79 14.62 -0.48
CA ARG B 378 22.09 15.29 -1.59
C ARG B 378 22.58 14.71 -2.92
N ASN B 379 23.89 14.65 -3.13
CA ASN B 379 24.48 14.24 -4.42
C ASN B 379 24.41 12.70 -4.58
N VAL B 380 24.53 11.92 -3.51
CA VAL B 380 24.43 10.43 -3.62
C VAL B 380 23.01 10.04 -4.08
N LEU B 381 21.99 10.69 -3.53
CA LEU B 381 20.56 10.35 -3.75
C LEU B 381 20.03 10.93 -5.05
N ALA B 382 20.40 12.16 -5.42
CA ALA B 382 19.90 12.84 -6.62
C ALA B 382 20.60 12.35 -7.90
N HIS B 383 21.67 11.55 -7.79
CA HIS B 383 22.44 11.06 -8.97
C HIS B 383 22.46 9.51 -9.01
N ALA B 384 21.41 8.86 -8.49
CA ALA B 384 21.16 7.40 -8.60
C ALA B 384 22.24 6.61 -7.87
N GLY B 385 22.84 7.21 -6.85
CA GLY B 385 23.95 6.62 -6.08
C GLY B 385 25.29 6.74 -6.76
N LEU B 386 25.38 7.35 -7.96
CA LEU B 386 26.62 7.37 -8.78
C LEU B 386 27.37 8.71 -8.60
N GLU B 387 27.62 9.10 -7.35
CA GLU B 387 28.27 10.40 -7.04
C GLU B 387 29.78 10.30 -7.37
N ALA B 388 30.33 11.37 -7.98
CA ALA B 388 31.65 11.41 -8.67
C ALA B 388 32.80 11.05 -7.71
N ASN B 389 32.60 11.15 -6.38
CA ASN B 389 33.67 10.93 -5.36
C ASN B 389 33.55 9.55 -4.70
N VAL B 390 32.68 8.67 -5.18
CA VAL B 390 32.54 7.31 -4.57
C VAL B 390 32.59 6.23 -5.64
N VAL B 391 32.53 6.59 -6.93
CA VAL B 391 32.50 5.64 -8.07
C VAL B 391 33.86 5.66 -8.77
N GLU B 392 34.36 4.48 -9.12
CA GLU B 392 35.53 4.27 -9.98
C GLU B 392 35.06 3.70 -11.32
N VAL B 393 35.65 4.16 -12.42
CA VAL B 393 35.31 3.80 -13.83
C VAL B 393 36.50 3.04 -14.43
N SER B 394 36.21 2.00 -15.22
CA SER B 394 37.18 1.30 -16.10
C SER B 394 36.48 1.02 -17.41
N MET B 395 37.07 1.47 -18.52
CA MET B 395 36.65 1.08 -19.89
C MET B 395 37.57 -0.02 -20.40
N GLU B 396 36.98 -1.15 -20.83
CA GLU B 396 37.70 -2.17 -21.63
C GLU B 396 38.23 -1.46 -22.86
N ALA B 397 39.41 -1.82 -23.34
CA ALA B 397 39.88 -1.42 -24.70
C ALA B 397 39.22 -2.35 -25.72
N TRP B 398 38.60 -1.76 -26.75
CA TRP B 398 38.13 -2.50 -27.95
C TRP B 398 38.33 -1.59 -29.18
N GLU B 399 38.19 -2.16 -30.38
CA GLU B 399 38.30 -1.46 -31.70
C GLU B 399 36.93 -0.91 -32.09
N PRO B 400 36.61 0.38 -31.82
CA PRO B 400 35.26 0.89 -32.00
C PRO B 400 34.87 1.04 -33.48
N LYS B 401 33.62 0.68 -33.80
CA LYS B 401 33.02 0.82 -35.14
C LYS B 401 31.75 1.68 -35.00
N ARG B 402 30.94 1.38 -33.98
CA ARG B 402 29.71 2.12 -33.60
C ARG B 402 29.85 2.51 -32.13
N PRO B 403 30.77 3.45 -31.80
CA PRO B 403 31.09 3.76 -30.41
C PRO B 403 29.86 4.20 -29.60
N GLU B 404 28.84 4.77 -30.24
CA GLU B 404 27.58 5.23 -29.59
C GLU B 404 26.73 4.06 -29.09
N GLU B 405 26.87 2.87 -29.69
CA GLU B 405 26.13 1.64 -29.28
C GLU B 405 27.01 0.79 -28.38
N GLU B 406 28.33 0.92 -28.50
CA GLU B 406 29.29 -0.06 -27.92
C GLU B 406 29.84 0.44 -26.58
N ALA B 407 29.98 1.76 -26.39
CA ALA B 407 30.71 2.31 -25.23
C ALA B 407 30.08 1.82 -23.92
N GLY B 408 28.75 1.87 -23.81
CA GLY B 408 27.97 1.50 -22.62
C GLY B 408 28.29 0.12 -22.05
N ARG B 409 28.38 -0.93 -22.88
CA ARG B 409 28.66 -2.31 -22.35
C ARG B 409 30.14 -2.43 -21.95
N HIS B 410 31.01 -1.60 -22.52
CA HIS B 410 32.48 -1.63 -22.31
C HIS B 410 32.92 -0.74 -21.14
N THR B 411 32.03 0.08 -20.56
CA THR B 411 32.40 0.94 -19.40
C THR B 411 31.80 0.40 -18.11
N HIS B 412 32.67 -0.06 -17.20
CA HIS B 412 32.32 -0.69 -15.91
C HIS B 412 32.38 0.37 -14.81
N LEU B 413 31.48 0.28 -13.83
CA LEU B 413 31.43 1.15 -12.63
C LEU B 413 31.50 0.26 -11.38
N LYS B 414 32.22 0.68 -10.35
CA LYS B 414 32.12 0.08 -8.99
C LYS B 414 32.34 1.17 -7.95
N TYR B 415 31.79 0.97 -6.76
CA TYR B 415 32.12 1.75 -5.55
C TYR B 415 33.55 1.41 -5.13
N THR B 416 34.34 2.43 -4.77
CA THR B 416 35.61 2.28 -4.01
C THR B 416 35.26 1.71 -2.65
N PRO B 417 36.18 0.99 -1.96
CA PRO B 417 35.90 0.51 -0.61
C PRO B 417 35.40 1.61 0.36
N VAL B 418 36.10 2.74 0.41
CA VAL B 418 35.72 3.92 1.24
C VAL B 418 34.34 4.43 0.77
N GLY B 419 34.17 4.55 -0.55
CA GLY B 419 32.95 5.10 -1.19
C GLY B 419 31.73 4.31 -0.80
N LEU B 420 31.81 2.97 -0.85
CA LEU B 420 30.70 2.07 -0.49
C LEU B 420 30.22 2.38 0.94
N LYS B 421 31.15 2.46 1.89
CA LYS B 421 30.82 2.62 3.33
C LYS B 421 30.10 3.97 3.53
N LYS B 422 30.52 5.03 2.85
CA LYS B 422 29.82 6.34 2.96
C LYS B 422 28.46 6.23 2.27
N VAL B 423 28.40 5.54 1.13
CA VAL B 423 27.08 5.35 0.45
C VAL B 423 26.17 4.56 1.40
N GLU B 424 26.68 3.51 2.04
CA GLU B 424 25.86 2.62 2.91
C GLU B 424 25.27 3.46 4.04
N ASP B 425 26.09 4.34 4.64
CA ASP B 425 25.68 5.24 5.76
C ASP B 425 24.56 6.16 5.31
N ILE B 426 24.72 6.80 4.17
CA ILE B 426 23.73 7.79 3.66
C ILE B 426 22.39 7.08 3.38
N VAL B 427 22.44 5.90 2.74
CA VAL B 427 21.22 5.19 2.27
C VAL B 427 20.49 4.59 3.47
N SER B 428 21.25 3.97 4.38
CA SER B 428 20.72 3.44 5.64
C SER B 428 20.02 4.56 6.41
N ARG B 429 20.64 5.73 6.51
CA ARG B 429 20.12 6.89 7.29
C ARG B 429 18.88 7.46 6.60
N ALA B 430 18.87 7.58 5.28
CA ALA B 430 17.71 8.11 4.52
C ALA B 430 16.49 7.18 4.70
N LEU B 431 16.74 5.87 4.79
CA LEU B 431 15.67 4.85 4.96
C LEU B 431 14.99 5.03 6.32
N LYS B 432 15.76 5.30 7.37
CA LYS B 432 15.30 5.34 8.78
C LYS B 432 14.56 6.65 9.09
N GLU B 433 14.78 7.72 8.33
CA GLU B 433 13.97 8.98 8.40
C GLU B 433 13.01 9.01 7.20
N SER B 434 12.80 7.84 6.57
CA SER B 434 11.88 7.58 5.42
C SER B 434 11.37 8.88 4.81
#